data_4PMV
#
_entry.id   4PMV
#
_cell.length_a   78.819
_cell.length_b   78.819
_cell.length_c   303.969
_cell.angle_alpha   90.000
_cell.angle_beta   90.000
_cell.angle_gamma   90.000
#
_symmetry.space_group_name_H-M   'P 43 21 2'
#
loop_
_entity.id
_entity.type
_entity.pdbx_description
1 polymer 'Endo-1,4-beta-xylanase A'
2 water water
#
_entity_poly.entity_id   1
_entity_poly.type   'polypeptide(L)'
_entity_poly.pdbx_seq_one_letter_code
;GTSLKQAYAQGFLLGTAVNADIVSGKDAASAALVACHFNAVTAENVMKAEVVAPRRGVQDFSAADAFVAYAQRDRQFVVG
HTLVWHNQTPEWFFTTADGRPNTPAQQLERMRAHIAAVAGRYTGKVQAWDVVNEIIDEDGSYRSTNWVQRVGDGDTVVRN
AFAFAQRYAPDAQLYYNDFNAWRPAKREGIVRMVKMLQQAGVRIDGVGMQGHWGLNYPSLRDIEDAIDAYAALGVKVMIT
ELDIDVLPLTKEGQIIGTGMAHKQFQLPEFKRFLDPYRDGLPADVQAQLRDRYAELFALFWRKRDKIARVSVWGVSDDMS
WKNDYPVPGRTNYPLLFDRNHQPKPALDAVVAVPSAT
;
_entity_poly.pdbx_strand_id   A,B
#
# COMPACT_ATOMS: atom_id res chain seq x y z
N GLY A 1 -8.21 -38.15 18.01
CA GLY A 1 -9.55 -38.77 17.97
C GLY A 1 -10.00 -39.06 16.55
N THR A 2 -10.49 -38.03 15.87
CA THR A 2 -10.87 -38.12 14.45
C THR A 2 -10.28 -37.01 13.59
N SER A 3 -9.49 -37.40 12.60
CA SER A 3 -8.69 -36.49 11.79
C SER A 3 -9.47 -35.88 10.64
N LEU A 4 -8.86 -34.87 10.02
CA LEU A 4 -9.45 -34.14 8.90
C LEU A 4 -9.72 -35.01 7.68
N LYS A 5 -8.68 -35.73 7.23
CA LYS A 5 -8.78 -36.62 6.07
C LYS A 5 -9.82 -37.73 6.27
N GLN A 6 -9.97 -38.20 7.49
CA GLN A 6 -10.98 -39.20 7.84
C GLN A 6 -12.39 -38.62 7.78
N ALA A 7 -12.56 -37.44 8.38
CA ALA A 7 -13.87 -36.78 8.44
C ALA A 7 -14.38 -36.35 7.07
N TYR A 8 -13.46 -35.98 6.18
CA TYR A 8 -13.82 -35.56 4.83
C TYR A 8 -13.55 -36.64 3.77
N ALA A 9 -13.41 -37.89 4.20
CA ALA A 9 -13.07 -39.01 3.31
C ALA A 9 -14.04 -39.18 2.14
N GLN A 10 -15.33 -39.04 2.42
CA GLN A 10 -16.36 -39.27 1.43
C GLN A 10 -16.76 -38.03 0.63
N GLY A 11 -15.89 -37.00 0.63
CA GLY A 11 -16.20 -35.77 -0.09
C GLY A 11 -15.12 -35.33 -1.06
N PHE A 12 -13.91 -35.20 -0.52
CA PHE A 12 -12.75 -34.69 -1.25
C PHE A 12 -11.46 -34.95 -0.47
N LEU A 13 -10.32 -34.77 -1.15
CA LEU A 13 -9.02 -34.83 -0.48
C LEU A 13 -8.84 -33.61 0.41
N LEU A 14 -8.36 -33.83 1.63
CA LEU A 14 -8.01 -32.70 2.49
C LEU A 14 -6.49 -32.59 2.58
N GLY A 15 -5.97 -31.52 1.98
CA GLY A 15 -4.53 -31.38 1.80
C GLY A 15 -3.93 -30.17 2.48
N THR A 16 -2.59 -30.10 2.40
CA THR A 16 -1.84 -29.01 2.98
C THR A 16 -0.63 -28.68 2.11
N ALA A 17 -0.04 -27.51 2.37
CA ALA A 17 1.23 -27.14 1.79
C ALA A 17 2.32 -27.44 2.79
N VAL A 18 3.37 -28.11 2.33
CA VAL A 18 4.55 -28.38 3.15
C VAL A 18 5.73 -27.55 2.66
N ASN A 19 6.46 -26.96 3.61
CA ASN A 19 7.68 -26.22 3.30
C ASN A 19 8.89 -27.15 3.28
N ALA A 20 10.08 -26.58 3.10
CA ALA A 20 11.33 -27.34 3.16
C ALA A 20 11.54 -28.00 4.53
N ASP A 21 11.16 -27.29 5.59
CA ASP A 21 11.43 -27.73 6.96
C ASP A 21 10.63 -28.93 7.42
N ILE A 22 9.37 -29.03 6.97
CA ILE A 22 8.55 -30.20 7.24
C ILE A 22 9.16 -31.44 6.57
N VAL A 23 9.55 -31.27 5.30
CA VAL A 23 10.18 -32.34 4.51
C VAL A 23 11.52 -32.77 5.10
N SER A 24 12.30 -31.82 5.61
CA SER A 24 13.63 -32.11 6.15
C SER A 24 13.54 -32.78 7.52
N GLY A 25 12.40 -32.64 8.17
CA GLY A 25 12.20 -33.16 9.52
C GLY A 25 12.56 -32.17 10.61
N LYS A 26 12.98 -30.97 10.21
CA LYS A 26 13.29 -29.90 11.17
C LYS A 26 12.03 -29.53 11.94
N ASP A 27 10.99 -29.14 11.22
CA ASP A 27 9.68 -28.88 11.82
C ASP A 27 8.95 -30.21 12.00
N ALA A 28 9.42 -30.99 12.98
CA ALA A 28 8.90 -32.33 13.24
C ALA A 28 7.46 -32.31 13.76
N ALA A 29 7.13 -31.28 14.53
CA ALA A 29 5.80 -31.14 15.10
C ALA A 29 4.74 -31.03 14.02
N SER A 30 5.02 -30.23 12.99
CA SER A 30 4.10 -30.07 11.86
C SER A 30 4.09 -31.32 10.97
N ALA A 31 5.27 -31.92 10.80
CA ALA A 31 5.41 -33.16 10.05
C ALA A 31 4.47 -34.22 10.59
N ALA A 32 4.53 -34.44 11.91
CA ALA A 32 3.61 -35.35 12.61
C ALA A 32 2.16 -35.07 12.25
N LEU A 33 1.78 -33.80 12.23
CA LEU A 33 0.40 -33.41 11.92
C LEU A 33 0.00 -33.70 10.47
N VAL A 34 0.95 -33.57 9.55
CA VAL A 34 0.69 -33.87 8.14
C VAL A 34 0.30 -35.35 7.99
N ALA A 35 1.01 -36.23 8.70
CA ALA A 35 0.73 -37.66 8.70
C ALA A 35 -0.66 -37.98 9.29
N CYS A 36 -1.00 -37.30 10.38
CA CYS A 36 -2.27 -37.49 11.07
C CYS A 36 -3.48 -37.07 10.23
N HIS A 37 -3.40 -35.88 9.62
CA HIS A 37 -4.58 -35.17 9.17
C HIS A 37 -4.78 -35.04 7.66
N PHE A 38 -3.71 -35.17 6.90
CA PHE A 38 -3.75 -34.81 5.48
C PHE A 38 -3.45 -35.97 4.52
N ASN A 39 -4.21 -36.04 3.44
CA ASN A 39 -4.01 -37.07 2.42
C ASN A 39 -3.53 -36.51 1.07
N ALA A 40 -3.20 -35.22 1.06
CA ALA A 40 -2.65 -34.55 -0.13
C ALA A 40 -1.63 -33.47 0.27
N VAL A 41 -0.52 -33.42 -0.46
CA VAL A 41 0.54 -32.45 -0.16
C VAL A 41 0.92 -31.59 -1.36
N THR A 42 1.26 -30.33 -1.09
CA THR A 42 1.75 -29.42 -2.11
C THR A 42 3.04 -28.79 -1.56
N ALA A 43 4.10 -28.85 -2.35
CA ALA A 43 5.38 -28.22 -1.99
C ALA A 43 5.17 -26.71 -2.01
N GLU A 44 5.54 -26.04 -0.93
CA GLU A 44 5.22 -24.61 -0.79
C GLU A 44 6.02 -23.75 -1.78
N ASN A 45 7.28 -24.13 -2.00
CA ASN A 45 8.19 -23.29 -2.78
C ASN A 45 9.19 -24.05 -3.66
N VAL A 46 9.66 -25.21 -3.17
CA VAL A 46 10.84 -25.88 -3.75
C VAL A 46 10.70 -26.42 -5.17
N MET A 47 9.51 -26.31 -5.75
CA MET A 47 9.28 -26.76 -7.13
C MET A 47 9.03 -25.62 -8.11
N LYS A 48 9.28 -24.39 -7.67
CA LYS A 48 9.13 -23.23 -8.52
C LYS A 48 10.38 -23.00 -9.38
N ALA A 49 10.17 -22.44 -10.56
CA ALA A 49 11.22 -22.22 -11.56
C ALA A 49 12.55 -21.68 -11.00
N GLU A 50 12.47 -20.79 -10.01
CA GLU A 50 13.67 -20.12 -9.50
C GLU A 50 14.52 -20.98 -8.58
N VAL A 51 13.89 -22.00 -7.98
CA VAL A 51 14.61 -22.96 -7.16
C VAL A 51 15.11 -24.08 -8.07
N VAL A 52 14.20 -24.57 -8.92
CA VAL A 52 14.46 -25.68 -9.83
C VAL A 52 15.51 -25.35 -10.90
N ALA A 53 15.38 -24.20 -11.55
CA ALA A 53 16.37 -23.72 -12.52
C ALA A 53 16.83 -22.31 -12.15
N PRO A 54 17.73 -22.20 -11.14
CA PRO A 54 18.14 -20.88 -10.67
C PRO A 54 18.81 -20.02 -11.74
N ARG A 55 19.80 -20.59 -12.43
CA ARG A 55 20.54 -19.87 -13.48
C ARG A 55 20.52 -20.66 -14.79
N ARG A 56 20.90 -20.00 -15.89
CA ARG A 56 20.91 -20.61 -17.21
C ARG A 56 21.80 -21.84 -17.27
N GLY A 57 21.19 -22.98 -17.60
CA GLY A 57 21.92 -24.25 -17.69
C GLY A 57 22.05 -25.01 -16.39
N VAL A 58 21.90 -24.31 -15.27
CA VAL A 58 22.00 -24.92 -13.95
C VAL A 58 20.64 -25.41 -13.46
N GLN A 59 20.62 -26.64 -12.93
CA GLN A 59 19.42 -27.24 -12.36
C GLN A 59 19.61 -27.54 -10.87
N ASP A 60 18.49 -27.62 -10.15
CA ASP A 60 18.51 -28.00 -8.74
C ASP A 60 17.20 -28.68 -8.36
N PHE A 61 17.24 -30.01 -8.27
CA PHE A 61 16.06 -30.79 -7.90
C PHE A 61 16.17 -31.37 -6.49
N SER A 62 17.32 -31.14 -5.85
CA SER A 62 17.62 -31.71 -4.53
C SER A 62 16.48 -31.61 -3.51
N ALA A 63 15.92 -30.41 -3.36
CA ALA A 63 14.83 -30.16 -2.42
C ALA A 63 13.48 -30.67 -2.94
N ALA A 64 13.26 -30.53 -4.24
CA ALA A 64 12.06 -31.05 -4.88
C ALA A 64 12.01 -32.57 -4.79
N ASP A 65 13.17 -33.19 -4.98
CA ASP A 65 13.32 -34.65 -4.87
C ASP A 65 12.98 -35.16 -3.47
N ALA A 66 13.40 -34.39 -2.47
CA ALA A 66 13.15 -34.72 -1.07
C ALA A 66 11.66 -34.71 -0.77
N PHE A 67 10.96 -33.68 -1.29
CA PHE A 67 9.53 -33.51 -1.11
C PHE A 67 8.74 -34.70 -1.63
N VAL A 68 9.04 -35.11 -2.86
CA VAL A 68 8.38 -36.24 -3.48
C VAL A 68 8.66 -37.50 -2.67
N ALA A 69 9.92 -37.69 -2.28
CA ALA A 69 10.32 -38.81 -1.44
C ALA A 69 9.55 -38.81 -0.12
N TYR A 70 9.37 -37.62 0.46
CA TYR A 70 8.60 -37.43 1.68
C TYR A 70 7.12 -37.81 1.50
N ALA A 71 6.57 -37.47 0.34
CA ALA A 71 5.17 -37.73 0.03
C ALA A 71 4.84 -39.23 -0.07
N GLN A 72 5.81 -40.04 -0.48
CA GLN A 72 5.62 -41.49 -0.63
C GLN A 72 5.43 -42.18 0.71
N ARG A 73 6.22 -41.79 1.71
CA ARG A 73 6.21 -42.42 3.04
C ARG A 73 4.85 -42.37 3.74
N ASP A 74 3.92 -41.61 3.19
CA ASP A 74 2.56 -41.53 3.72
C ASP A 74 1.52 -41.69 2.61
N ARG A 75 1.97 -42.18 1.46
CA ARG A 75 1.13 -42.43 0.29
C ARG A 75 0.19 -41.25 0.01
N GLN A 76 0.78 -40.06 -0.10
CA GLN A 76 0.03 -38.82 -0.28
C GLN A 76 -0.26 -38.56 -1.74
N PHE A 77 -1.36 -37.84 -2.01
CA PHE A 77 -1.66 -37.32 -3.34
C PHE A 77 -0.79 -36.09 -3.57
N VAL A 78 0.07 -36.15 -4.57
CA VAL A 78 1.13 -35.16 -4.75
C VAL A 78 0.79 -34.12 -5.83
N VAL A 79 0.87 -32.85 -5.45
CA VAL A 79 0.59 -31.74 -6.35
C VAL A 79 1.87 -30.96 -6.66
N GLY A 80 2.13 -30.78 -7.95
CA GLY A 80 3.31 -30.06 -8.42
C GLY A 80 3.02 -28.60 -8.68
N HIS A 81 3.81 -27.73 -8.06
CA HIS A 81 3.52 -26.30 -8.01
C HIS A 81 4.84 -25.52 -8.12
N THR A 82 5.05 -24.80 -9.23
CA THR A 82 4.15 -24.70 -10.39
C THR A 82 5.01 -24.49 -11.66
N LEU A 83 4.52 -24.98 -12.79
CA LEU A 83 5.29 -24.98 -14.05
C LEU A 83 5.44 -23.60 -14.71
N VAL A 84 4.33 -23.01 -15.14
CA VAL A 84 4.34 -21.70 -15.80
C VAL A 84 3.74 -20.63 -14.88
N TRP A 85 4.58 -19.68 -14.48
CA TRP A 85 4.16 -18.60 -13.60
C TRP A 85 5.05 -17.37 -13.81
N HIS A 86 4.43 -16.20 -13.87
CA HIS A 86 5.16 -14.95 -14.06
C HIS A 86 6.00 -14.54 -12.86
N ASN A 87 5.64 -15.03 -11.67
CA ASN A 87 6.44 -14.80 -10.47
C ASN A 87 7.41 -15.93 -10.18
N GLN A 88 8.45 -15.61 -9.41
CA GLN A 88 9.46 -16.58 -8.96
C GLN A 88 10.11 -17.36 -10.11
N THR A 89 10.29 -16.66 -11.23
CA THR A 89 10.93 -17.23 -12.41
C THR A 89 12.06 -16.30 -12.82
N PRO A 90 13.31 -16.81 -12.79
CA PRO A 90 14.49 -16.00 -13.05
C PRO A 90 14.45 -15.33 -14.41
N GLU A 91 15.04 -14.13 -14.51
CA GLU A 91 15.00 -13.32 -15.72
C GLU A 91 15.58 -14.01 -16.95
N TRP A 92 16.47 -14.99 -16.73
CA TRP A 92 17.12 -15.69 -17.83
C TRP A 92 16.15 -16.49 -18.68
N PHE A 93 15.00 -16.84 -18.10
CA PHE A 93 13.96 -17.56 -18.82
C PHE A 93 13.43 -16.79 -20.03
N PHE A 94 13.58 -15.47 -19.99
CA PHE A 94 12.98 -14.59 -21.00
C PHE A 94 14.02 -13.95 -21.91
N THR A 95 15.29 -14.23 -21.62
CA THR A 95 16.40 -13.70 -22.41
C THR A 95 17.18 -14.83 -23.08
N THR A 96 17.78 -14.52 -24.22
CA THR A 96 18.70 -15.43 -24.90
C THR A 96 20.01 -15.49 -24.11
N ALA A 97 20.96 -16.27 -24.60
CA ALA A 97 22.29 -16.36 -23.97
C ALA A 97 23.05 -15.02 -23.96
N ASP A 98 22.65 -14.11 -24.86
CA ASP A 98 23.28 -12.77 -24.96
C ASP A 98 22.74 -11.82 -23.89
N GLY A 99 21.46 -11.98 -23.56
CA GLY A 99 20.75 -11.00 -22.73
C GLY A 99 19.58 -10.39 -23.49
N ARG A 100 19.58 -10.61 -24.81
CA ARG A 100 18.49 -10.16 -25.70
C ARG A 100 17.20 -10.92 -25.38
N PRO A 101 16.03 -10.30 -25.65
CA PRO A 101 14.78 -11.02 -25.36
C PRO A 101 14.64 -12.26 -26.24
N ASN A 102 14.05 -13.32 -25.68
CA ASN A 102 13.73 -14.52 -26.45
C ASN A 102 12.67 -14.20 -27.51
N THR A 103 12.77 -14.86 -28.66
CA THR A 103 11.71 -14.80 -29.68
C THR A 103 10.58 -15.72 -29.23
N PRO A 104 9.35 -15.47 -29.70
CA PRO A 104 8.25 -16.39 -29.41
C PRO A 104 8.70 -17.86 -29.48
N ALA A 105 9.40 -18.22 -30.56
CA ALA A 105 9.93 -19.57 -30.74
C ALA A 105 10.90 -19.97 -29.63
N GLN A 106 11.87 -19.09 -29.34
CA GLN A 106 12.82 -19.31 -28.25
C GLN A 106 12.13 -19.42 -26.90
N GLN A 107 11.08 -18.61 -26.72
CA GLN A 107 10.33 -18.56 -25.46
C GLN A 107 9.52 -19.85 -25.27
N LEU A 108 8.96 -20.36 -26.36
CA LEU A 108 8.19 -21.59 -26.31
C LEU A 108 9.09 -22.80 -26.09
N GLU A 109 10.31 -22.74 -26.64
CA GLU A 109 11.30 -23.80 -26.43
C GLU A 109 11.72 -23.88 -24.97
N ARG A 110 12.02 -22.72 -24.37
CA ARG A 110 12.32 -22.64 -22.94
C ARG A 110 11.21 -23.32 -22.14
N MET A 111 9.96 -23.01 -22.47
CA MET A 111 8.81 -23.60 -21.80
C MET A 111 8.82 -25.12 -21.93
N ARG A 112 9.06 -25.60 -23.16
CA ARG A 112 9.12 -27.03 -23.43
C ARG A 112 10.23 -27.69 -22.61
N ALA A 113 11.43 -27.13 -22.70
CA ALA A 113 12.61 -27.68 -22.02
C ALA A 113 12.44 -27.69 -20.49
N HIS A 114 11.77 -26.67 -19.96
CA HIS A 114 11.54 -26.58 -18.51
C HIS A 114 10.55 -27.63 -18.04
N ILE A 115 9.38 -27.66 -18.66
CA ILE A 115 8.35 -28.65 -18.34
C ILE A 115 8.89 -30.08 -18.52
N ALA A 116 9.65 -30.29 -19.60
CA ALA A 116 10.26 -31.59 -19.87
C ALA A 116 11.16 -32.04 -18.73
N ALA A 117 11.95 -31.12 -18.19
CA ALA A 117 12.89 -31.42 -17.13
C ALA A 117 12.21 -31.59 -15.76
N VAL A 118 11.11 -30.86 -15.56
CA VAL A 118 10.41 -30.85 -14.27
C VAL A 118 9.31 -31.91 -14.24
N ALA A 119 8.31 -31.74 -15.11
CA ALA A 119 7.18 -32.67 -15.17
C ALA A 119 7.62 -34.07 -15.60
N GLY A 120 8.62 -34.12 -16.48
CA GLY A 120 9.15 -35.40 -16.97
C GLY A 120 9.93 -36.16 -15.91
N ARG A 121 10.57 -35.43 -15.00
CA ARG A 121 11.37 -36.03 -13.93
C ARG A 121 10.51 -36.82 -12.94
N TYR A 122 9.25 -36.43 -12.81
CA TYR A 122 8.35 -37.03 -11.83
C TYR A 122 7.12 -37.64 -12.49
N THR A 123 7.21 -38.93 -12.78
CA THR A 123 6.09 -39.67 -13.36
C THR A 123 5.68 -40.79 -12.42
N GLY A 124 4.38 -40.93 -12.21
CA GLY A 124 3.84 -41.91 -11.26
C GLY A 124 4.25 -41.60 -9.84
N LYS A 125 4.81 -40.41 -9.63
CA LYS A 125 5.22 -39.94 -8.31
C LYS A 125 4.40 -38.71 -7.96
N VAL A 126 4.31 -37.79 -8.90
CA VAL A 126 3.47 -36.58 -8.79
C VAL A 126 2.17 -36.83 -9.54
N GLN A 127 1.05 -36.67 -8.84
CA GLN A 127 -0.27 -37.04 -9.38
C GLN A 127 -0.98 -35.89 -10.09
N ALA A 128 -0.51 -34.66 -9.86
CA ALA A 128 -1.13 -33.48 -10.46
C ALA A 128 -0.16 -32.31 -10.61
N TRP A 129 -0.38 -31.48 -11.63
CA TRP A 129 0.44 -30.30 -11.85
C TRP A 129 -0.38 -29.01 -11.93
N ASP A 130 0.02 -28.02 -11.15
CA ASP A 130 -0.43 -26.64 -11.34
C ASP A 130 0.34 -26.14 -12.56
N VAL A 131 -0.21 -26.38 -13.75
CA VAL A 131 0.48 -26.13 -15.01
C VAL A 131 0.72 -24.64 -15.23
N VAL A 132 -0.37 -23.87 -15.28
CA VAL A 132 -0.29 -22.42 -15.40
C VAL A 132 -0.92 -21.82 -14.15
N ASN A 133 -0.26 -20.79 -13.64
CA ASN A 133 -0.65 -20.17 -12.38
C ASN A 133 -0.86 -18.67 -12.55
N GLU A 134 -2.05 -18.21 -12.16
CA GLU A 134 -2.39 -16.78 -12.13
C GLU A 134 -2.08 -16.04 -13.44
N ILE A 135 -2.86 -16.30 -14.48
CA ILE A 135 -2.65 -15.65 -15.78
C ILE A 135 -3.76 -14.67 -16.16
N ILE A 136 -4.95 -14.88 -15.60
CA ILE A 136 -6.10 -14.05 -15.91
C ILE A 136 -6.19 -12.89 -14.92
N ASP A 137 -6.49 -11.71 -15.44
CA ASP A 137 -6.58 -10.50 -14.63
C ASP A 137 -7.97 -10.34 -14.03
N GLU A 138 -8.12 -9.32 -13.19
CA GLU A 138 -9.36 -9.08 -12.42
C GLU A 138 -10.59 -8.74 -13.26
N ASP A 139 -10.38 -8.30 -14.50
CA ASP A 139 -11.49 -8.00 -15.40
C ASP A 139 -11.77 -9.15 -16.38
N GLY A 140 -10.97 -10.22 -16.28
CA GLY A 140 -11.16 -11.41 -17.11
C GLY A 140 -10.25 -11.47 -18.32
N SER A 141 -9.57 -10.36 -18.62
CA SER A 141 -8.59 -10.32 -19.71
C SER A 141 -7.28 -10.99 -19.28
N TYR A 142 -6.40 -11.22 -20.25
CA TYR A 142 -5.10 -11.80 -19.97
C TYR A 142 -4.17 -10.80 -19.31
N ARG A 143 -3.38 -11.27 -18.35
CA ARG A 143 -2.34 -10.47 -17.74
C ARG A 143 -1.19 -10.32 -18.72
N SER A 144 -0.71 -9.10 -18.89
CA SER A 144 0.44 -8.83 -19.75
C SER A 144 1.74 -9.23 -19.04
N THR A 145 1.89 -10.54 -18.82
CA THR A 145 3.04 -11.10 -18.09
C THR A 145 4.25 -11.26 -19.00
N ASN A 146 5.42 -11.39 -18.37
CA ASN A 146 6.67 -11.73 -19.05
C ASN A 146 6.52 -12.87 -20.08
N TRP A 147 5.69 -13.86 -19.73
CA TRP A 147 5.36 -14.96 -20.64
C TRP A 147 4.53 -14.49 -21.81
N VAL A 148 3.43 -13.78 -21.52
CA VAL A 148 2.51 -13.29 -22.56
C VAL A 148 3.21 -12.34 -23.52
N GLN A 149 4.07 -11.48 -23.00
CA GLN A 149 4.83 -10.56 -23.84
C GLN A 149 5.77 -11.30 -24.78
N ARG A 150 6.53 -12.26 -24.24
CA ARG A 150 7.56 -12.93 -25.02
C ARG A 150 7.04 -14.00 -25.98
N VAL A 151 6.03 -14.76 -25.54
CA VAL A 151 5.33 -15.69 -26.43
C VAL A 151 4.47 -14.91 -27.44
N GLY A 152 3.79 -13.87 -26.95
CA GLY A 152 3.08 -12.94 -27.83
C GLY A 152 1.59 -12.86 -27.57
N ASP A 153 1.02 -13.97 -27.16
CA ASP A 153 -0.42 -14.13 -27.09
C ASP A 153 -0.78 -14.97 -25.87
N GLY A 154 -1.79 -14.52 -25.13
CA GLY A 154 -2.27 -15.24 -23.95
C GLY A 154 -2.69 -16.68 -24.24
N ASP A 155 -3.53 -16.85 -25.26
CA ASP A 155 -4.01 -18.18 -25.64
C ASP A 155 -2.89 -19.14 -26.05
N THR A 156 -1.91 -18.63 -26.79
CA THR A 156 -0.77 -19.44 -27.21
C THR A 156 0.05 -19.92 -26.00
N VAL A 157 0.20 -19.06 -24.99
CA VAL A 157 0.96 -19.39 -23.79
C VAL A 157 0.34 -20.58 -23.06
N VAL A 158 -0.96 -20.47 -22.79
CA VAL A 158 -1.70 -21.50 -22.05
C VAL A 158 -1.81 -22.80 -22.86
N ARG A 159 -2.08 -22.64 -24.16
CA ARG A 159 -2.28 -23.76 -25.07
C ARG A 159 -1.07 -24.68 -25.10
N ASN A 160 0.12 -24.10 -25.28
CA ASN A 160 1.38 -24.85 -25.26
C ASN A 160 1.72 -25.42 -23.90
N ALA A 161 1.49 -24.64 -22.85
CA ALA A 161 1.84 -25.03 -21.48
C ALA A 161 1.20 -26.34 -21.06
N PHE A 162 -0.09 -26.50 -21.37
CA PHE A 162 -0.80 -27.74 -21.09
C PHE A 162 -0.44 -28.84 -22.10
N ALA A 163 -0.17 -28.44 -23.34
CA ALA A 163 0.26 -29.38 -24.38
C ALA A 163 1.58 -30.03 -24.01
N PHE A 164 2.52 -29.23 -23.51
CA PHE A 164 3.81 -29.73 -23.06
C PHE A 164 3.70 -30.57 -21.79
N ALA A 165 2.78 -30.18 -20.91
CA ALA A 165 2.53 -30.91 -19.66
C ALA A 165 1.89 -32.28 -19.91
N GLN A 166 0.95 -32.33 -20.85
CA GLN A 166 0.33 -33.60 -21.25
C GLN A 166 1.33 -34.52 -21.94
N ARG A 167 2.34 -33.94 -22.57
CA ARG A 167 3.36 -34.69 -23.28
C ARG A 167 4.32 -35.40 -22.33
N TYR A 168 4.95 -34.63 -21.44
CA TYR A 168 6.00 -35.16 -20.57
C TYR A 168 5.48 -35.73 -19.24
N ALA A 169 4.20 -35.49 -18.97
CA ALA A 169 3.52 -36.12 -17.83
C ALA A 169 2.10 -36.60 -18.21
N PRO A 170 2.01 -37.62 -19.10
CA PRO A 170 0.72 -38.11 -19.61
C PRO A 170 -0.16 -38.71 -18.51
N ASP A 171 0.47 -39.25 -17.48
CA ASP A 171 -0.20 -39.84 -16.32
C ASP A 171 -0.85 -38.78 -15.41
N ALA A 172 -0.18 -37.64 -15.27
CA ALA A 172 -0.52 -36.62 -14.29
C ALA A 172 -1.74 -35.79 -14.68
N GLN A 173 -2.50 -35.37 -13.67
CA GLN A 173 -3.61 -34.45 -13.85
C GLN A 173 -3.10 -33.02 -14.01
N LEU A 174 -3.78 -32.24 -14.84
CA LEU A 174 -3.35 -30.87 -15.13
C LEU A 174 -4.37 -29.82 -14.65
N TYR A 175 -3.90 -28.87 -13.84
CA TYR A 175 -4.76 -27.83 -13.26
C TYR A 175 -4.37 -26.42 -13.68
N TYR A 176 -5.35 -25.52 -13.67
CA TYR A 176 -5.08 -24.08 -13.69
C TYR A 176 -5.37 -23.50 -12.31
N ASN A 177 -4.47 -22.65 -11.83
CA ASN A 177 -4.54 -22.11 -10.47
C ASN A 177 -4.53 -20.59 -10.46
N ASP A 178 -5.47 -19.99 -9.72
CA ASP A 178 -5.57 -18.52 -9.61
C ASP A 178 -6.25 -18.06 -8.31
N PHE A 179 -5.94 -16.84 -7.89
CA PHE A 179 -6.56 -16.20 -6.73
C PHE A 179 -7.72 -15.31 -7.18
N ASN A 180 -8.58 -14.92 -6.25
CA ASN A 180 -9.78 -14.12 -6.56
C ASN A 180 -10.62 -14.76 -7.65
N ALA A 181 -10.61 -16.09 -7.68
CA ALA A 181 -11.29 -16.89 -8.70
C ALA A 181 -12.79 -16.89 -8.48
N TRP A 182 -13.20 -16.33 -7.34
CA TRP A 182 -14.62 -16.14 -7.02
C TRP A 182 -15.20 -14.92 -7.72
N ARG A 183 -14.33 -14.00 -8.13
CA ARG A 183 -14.76 -12.76 -8.80
C ARG A 183 -15.40 -13.02 -10.16
N PRO A 184 -16.70 -12.69 -10.30
CA PRO A 184 -17.49 -12.94 -11.52
C PRO A 184 -16.78 -12.63 -12.83
N ALA A 185 -16.23 -11.42 -12.96
CA ALA A 185 -15.53 -11.01 -14.18
C ALA A 185 -14.27 -11.86 -14.42
N LYS A 186 -13.51 -12.14 -13.37
CA LYS A 186 -12.32 -12.98 -13.46
C LYS A 186 -12.71 -14.42 -13.75
N ARG A 187 -13.65 -14.96 -12.97
CA ARG A 187 -14.19 -16.30 -13.14
C ARG A 187 -14.61 -16.56 -14.59
N GLU A 188 -15.35 -15.61 -15.16
CA GLU A 188 -15.83 -15.69 -16.53
C GLU A 188 -14.65 -15.82 -17.50
N GLY A 189 -13.60 -15.04 -17.25
CA GLY A 189 -12.38 -15.06 -18.04
C GLY A 189 -11.70 -16.41 -17.99
N ILE A 190 -11.62 -16.97 -16.79
CA ILE A 190 -11.08 -18.31 -16.58
C ILE A 190 -11.88 -19.36 -17.35
N VAL A 191 -13.21 -19.24 -17.29
CA VAL A 191 -14.12 -20.15 -18.02
C VAL A 191 -13.84 -20.09 -19.52
N ARG A 192 -13.77 -18.89 -20.07
CA ARG A 192 -13.47 -18.69 -21.49
C ARG A 192 -12.16 -19.34 -21.90
N MET A 193 -11.21 -19.36 -20.96
CA MET A 193 -9.90 -19.97 -21.20
C MET A 193 -9.95 -21.50 -21.18
N VAL A 194 -10.70 -22.06 -20.24
CA VAL A 194 -10.86 -23.51 -20.17
C VAL A 194 -11.58 -24.01 -21.42
N LYS A 195 -12.65 -23.31 -21.79
CA LYS A 195 -13.44 -23.62 -22.99
C LYS A 195 -12.62 -23.57 -24.27
N MET A 196 -11.65 -22.66 -24.35
CA MET A 196 -10.78 -22.59 -25.53
C MET A 196 -9.80 -23.77 -25.55
N LEU A 197 -9.32 -24.17 -24.36
CA LEU A 197 -8.43 -25.32 -24.23
C LEU A 197 -9.13 -26.62 -24.63
N GLN A 198 -10.38 -26.77 -24.19
CA GLN A 198 -11.19 -27.95 -24.48
C GLN A 198 -11.49 -28.06 -25.98
N GLN A 199 -11.82 -26.92 -26.58
CA GLN A 199 -12.16 -26.89 -28.00
C GLN A 199 -10.93 -26.94 -28.90
N ALA A 200 -9.79 -26.52 -28.38
CA ALA A 200 -8.51 -26.71 -29.06
C ALA A 200 -8.01 -28.15 -28.89
N GLY A 201 -8.66 -28.89 -27.98
CA GLY A 201 -8.41 -30.31 -27.79
C GLY A 201 -7.33 -30.65 -26.77
N VAL A 202 -6.88 -29.65 -26.02
CA VAL A 202 -5.82 -29.86 -25.04
C VAL A 202 -6.37 -30.29 -23.67
N ARG A 203 -5.55 -30.99 -22.91
CA ARG A 203 -5.98 -31.61 -21.65
C ARG A 203 -5.96 -30.65 -20.47
N ILE A 204 -7.10 -30.53 -19.81
CA ILE A 204 -7.21 -29.84 -18.53
C ILE A 204 -8.18 -30.59 -17.62
N ASP A 205 -7.71 -31.00 -16.45
CA ASP A 205 -8.49 -31.83 -15.54
C ASP A 205 -9.26 -31.02 -14.50
N GLY A 206 -8.73 -29.87 -14.11
CA GLY A 206 -9.35 -29.10 -13.04
C GLY A 206 -8.94 -27.65 -12.88
N VAL A 207 -9.83 -26.88 -12.25
CA VAL A 207 -9.59 -25.48 -11.93
C VAL A 207 -9.40 -25.35 -10.42
N GLY A 208 -8.33 -24.66 -10.03
CA GLY A 208 -8.01 -24.45 -8.63
C GLY A 208 -8.25 -23.03 -8.18
N MET A 209 -9.19 -22.87 -7.25
CA MET A 209 -9.42 -21.61 -6.56
C MET A 209 -8.53 -21.59 -5.33
N GLN A 210 -7.58 -20.67 -5.29
CA GLN A 210 -6.57 -20.64 -4.22
C GLN A 210 -7.19 -20.48 -2.84
N GLY A 211 -8.11 -19.53 -2.71
CA GLY A 211 -8.80 -19.34 -1.45
C GLY A 211 -7.99 -18.65 -0.36
N HIS A 212 -7.11 -17.73 -0.76
CA HIS A 212 -6.45 -16.85 0.20
C HIS A 212 -7.45 -15.76 0.58
N TRP A 213 -8.36 -16.13 1.47
CA TRP A 213 -9.51 -15.30 1.81
C TRP A 213 -9.38 -14.69 3.19
N GLY A 214 -10.45 -14.05 3.67
CA GLY A 214 -10.43 -13.37 4.96
C GLY A 214 -11.74 -13.48 5.72
N LEU A 215 -11.84 -12.77 6.83
CA LEU A 215 -13.03 -12.81 7.67
C LEU A 215 -14.18 -12.07 7.01
N ASN A 216 -13.85 -11.09 6.16
CA ASN A 216 -14.86 -10.25 5.53
C ASN A 216 -14.98 -10.41 4.03
N TYR A 217 -14.24 -11.36 3.45
CA TYR A 217 -14.30 -11.63 2.03
C TYR A 217 -13.94 -13.09 1.69
N PRO A 218 -14.56 -13.67 0.64
CA PRO A 218 -15.66 -13.14 -0.14
C PRO A 218 -16.99 -13.77 0.29
N SER A 219 -18.07 -13.43 -0.41
CA SER A 219 -19.38 -14.00 -0.11
C SER A 219 -19.44 -15.48 -0.52
N LEU A 220 -20.18 -16.26 0.26
CA LEU A 220 -20.39 -17.66 -0.07
C LEU A 220 -21.15 -17.79 -1.39
N ARG A 221 -21.91 -16.75 -1.72
CA ARG A 221 -22.60 -16.63 -3.00
C ARG A 221 -21.61 -16.60 -4.17
N ASP A 222 -20.64 -15.69 -4.11
CA ASP A 222 -19.60 -15.60 -5.15
C ASP A 222 -18.89 -16.95 -5.34
N ILE A 223 -18.53 -17.58 -4.23
CA ILE A 223 -17.76 -18.83 -4.23
C ILE A 223 -18.57 -19.99 -4.81
N GLU A 224 -19.84 -20.10 -4.42
CA GLU A 224 -20.74 -21.14 -4.93
C GLU A 224 -20.99 -20.97 -6.42
N ASP A 225 -21.11 -19.72 -6.88
CA ASP A 225 -21.31 -19.43 -8.29
C ASP A 225 -20.11 -19.86 -9.13
N ALA A 226 -18.92 -19.68 -8.58
CA ALA A 226 -17.68 -20.04 -9.27
C ALA A 226 -17.46 -21.55 -9.29
N ILE A 227 -17.65 -22.19 -8.14
CA ILE A 227 -17.62 -23.67 -8.05
C ILE A 227 -18.50 -24.25 -9.15
N ASP A 228 -19.74 -23.77 -9.21
CA ASP A 228 -20.72 -24.23 -10.20
C ASP A 228 -20.28 -23.99 -11.64
N ALA A 229 -19.75 -22.80 -11.90
CA ALA A 229 -19.34 -22.41 -13.25
C ALA A 229 -18.22 -23.31 -13.77
N TYR A 230 -17.22 -23.55 -12.94
CA TYR A 230 -16.10 -24.40 -13.30
C TYR A 230 -16.57 -25.85 -13.44
N ALA A 231 -17.41 -26.28 -12.52
CA ALA A 231 -17.97 -27.63 -12.53
C ALA A 231 -18.73 -27.92 -13.82
N ALA A 232 -19.41 -26.90 -14.33
CA ALA A 232 -20.22 -27.02 -15.55
C ALA A 232 -19.39 -27.33 -16.80
N LEU A 233 -18.07 -27.14 -16.70
CA LEU A 233 -17.14 -27.38 -17.80
C LEU A 233 -16.63 -28.81 -17.83
N GLY A 234 -17.08 -29.62 -16.88
CA GLY A 234 -16.64 -31.01 -16.75
C GLY A 234 -15.21 -31.14 -16.25
N VAL A 235 -14.76 -30.16 -15.46
CA VAL A 235 -13.45 -30.23 -14.82
C VAL A 235 -13.58 -30.24 -13.30
N LYS A 236 -12.57 -30.77 -12.63
CA LYS A 236 -12.54 -30.80 -11.18
C LYS A 236 -12.39 -29.39 -10.61
N VAL A 237 -13.03 -29.13 -9.48
CA VAL A 237 -12.84 -27.88 -8.76
C VAL A 237 -12.07 -28.16 -7.48
N MET A 238 -11.08 -27.33 -7.17
CA MET A 238 -10.29 -27.50 -5.96
C MET A 238 -10.04 -26.19 -5.25
N ILE A 239 -10.09 -26.22 -3.92
CA ILE A 239 -9.64 -25.12 -3.09
C ILE A 239 -8.21 -25.48 -2.71
N THR A 240 -7.24 -24.72 -3.23
CA THR A 240 -5.86 -25.19 -3.30
C THR A 240 -4.88 -24.56 -2.32
N GLU A 241 -5.12 -23.31 -1.91
CA GLU A 241 -4.20 -22.60 -1.04
C GLU A 241 -4.92 -21.93 0.15
N LEU A 242 -6.00 -22.56 0.60
CA LEU A 242 -6.91 -21.95 1.59
C LEU A 242 -6.25 -21.46 2.87
N ASP A 243 -6.54 -20.19 3.23
CA ASP A 243 -6.22 -19.61 4.54
C ASP A 243 -7.04 -18.34 4.79
N ILE A 244 -7.32 -18.08 6.07
CA ILE A 244 -8.22 -16.99 6.44
C ILE A 244 -7.49 -15.86 7.18
N ASP A 245 -7.33 -14.73 6.51
CA ASP A 245 -6.68 -13.55 7.08
C ASP A 245 -7.60 -12.89 8.10
N VAL A 246 -7.04 -12.57 9.27
CA VAL A 246 -7.82 -12.00 10.38
C VAL A 246 -7.36 -10.59 10.78
N LEU A 247 -6.18 -10.20 10.32
CA LEU A 247 -5.59 -8.92 10.69
C LEU A 247 -6.23 -7.77 9.93
N PRO A 248 -6.32 -6.59 10.56
CA PRO A 248 -6.85 -5.38 9.94
C PRO A 248 -6.36 -5.14 8.50
N LEU A 249 -7.25 -4.57 7.68
CA LEU A 249 -7.03 -4.30 6.25
C LEU A 249 -6.97 -5.54 5.36
N THR A 250 -6.12 -6.51 5.74
CA THR A 250 -5.91 -7.70 4.91
C THR A 250 -7.00 -8.76 5.08
N LYS A 251 -7.92 -8.51 6.01
CA LYS A 251 -9.11 -9.36 6.18
C LYS A 251 -10.28 -8.85 5.34
N GLU A 252 -10.07 -7.75 4.62
CA GLU A 252 -11.11 -7.11 3.82
C GLU A 252 -11.01 -7.48 2.34
N GLY A 253 -9.79 -7.73 1.87
CA GLY A 253 -9.53 -8.13 0.49
C GLY A 253 -8.11 -8.66 0.32
N GLN A 254 -7.89 -9.46 -0.73
CA GLN A 254 -6.55 -9.97 -1.01
C GLN A 254 -5.69 -8.86 -1.63
N ILE A 255 -4.49 -8.70 -1.10
CA ILE A 255 -3.54 -7.68 -1.58
C ILE A 255 -2.37 -8.32 -2.31
N ILE A 256 -2.07 -7.82 -3.50
CA ILE A 256 -0.87 -8.20 -4.24
C ILE A 256 0.08 -7.00 -4.29
N GLY A 257 1.29 -7.21 -4.81
CA GLY A 257 2.26 -6.13 -4.97
C GLY A 257 3.14 -5.97 -3.75
N THR A 258 3.95 -4.91 -3.72
CA THR A 258 4.88 -4.67 -2.61
C THR A 258 4.65 -3.32 -1.93
N GLY A 259 3.47 -2.75 -2.12
CA GLY A 259 3.10 -1.46 -1.53
C GLY A 259 3.08 -1.48 -0.01
N MET A 260 2.61 -2.59 0.55
CA MET A 260 2.49 -2.77 1.99
C MET A 260 3.81 -3.22 2.64
N ALA A 261 4.82 -3.45 1.82
CA ALA A 261 6.15 -3.79 2.31
C ALA A 261 6.96 -2.52 2.55
N HIS A 262 6.32 -1.37 2.32
CA HIS A 262 6.95 -0.07 2.52
C HIS A 262 7.25 0.14 4.00
N LYS A 263 8.39 0.75 4.27
CA LYS A 263 8.90 0.96 5.64
C LYS A 263 7.95 1.75 6.54
N GLN A 264 7.09 2.59 5.96
CA GLN A 264 6.18 3.43 6.73
C GLN A 264 5.20 2.63 7.57
N PHE A 265 4.86 1.42 7.12
CA PHE A 265 3.90 0.57 7.81
C PHE A 265 4.49 -0.19 8.98
N GLN A 266 5.80 -0.05 9.17
CA GLN A 266 6.48 -0.58 10.35
C GLN A 266 6.54 0.44 11.48
N LEU A 267 6.03 1.64 11.22
CA LEU A 267 6.04 2.74 12.19
C LEU A 267 4.99 2.55 13.29
N PRO A 268 5.31 3.04 14.51
CA PRO A 268 4.46 2.95 15.70
C PRO A 268 2.95 3.06 15.43
N GLU A 269 2.53 4.11 14.76
CA GLU A 269 1.10 4.38 14.55
C GLU A 269 0.40 3.45 13.56
N PHE A 270 1.19 2.77 12.73
CA PHE A 270 0.65 1.78 11.81
C PHE A 270 0.71 0.37 12.39
N LYS A 271 1.76 0.10 13.14
CA LYS A 271 1.94 -1.21 13.75
C LYS A 271 0.90 -1.47 14.85
N ARG A 272 0.43 -0.39 15.47
CA ARG A 272 -0.64 -0.45 16.47
C ARG A 272 -1.97 -0.84 15.82
N PHE A 273 -2.20 -0.31 14.63
CA PHE A 273 -3.44 -0.57 13.91
C PHE A 273 -3.40 -1.90 13.17
N LEU A 274 -2.30 -2.14 12.44
CA LEU A 274 -2.18 -3.30 11.55
C LEU A 274 -1.80 -4.59 12.25
N ASP A 275 -1.01 -4.49 13.32
CA ASP A 275 -0.54 -5.69 14.04
C ASP A 275 -1.04 -5.68 15.49
N PRO A 276 -2.36 -5.82 15.71
CA PRO A 276 -2.92 -5.61 17.03
C PRO A 276 -2.96 -6.84 17.95
N TYR A 277 -2.78 -8.04 17.40
CA TYR A 277 -2.88 -9.27 18.19
C TYR A 277 -1.53 -9.96 18.34
N ARG A 278 -0.62 -9.29 19.06
CA ARG A 278 0.74 -9.80 19.23
C ARG A 278 0.87 -10.79 20.40
N ASP A 279 -0.18 -10.91 21.20
CA ASP A 279 -0.21 -11.85 22.32
C ASP A 279 -1.45 -12.73 22.28
N GLY A 280 -1.64 -13.42 21.15
CA GLY A 280 -2.78 -14.29 20.96
C GLY A 280 -4.01 -13.56 20.45
N LEU A 281 -4.92 -14.34 19.86
CA LEU A 281 -6.20 -13.81 19.40
C LEU A 281 -7.14 -13.60 20.57
N PRO A 282 -7.82 -12.44 20.61
CA PRO A 282 -8.92 -12.27 21.56
C PRO A 282 -9.96 -13.35 21.34
N ALA A 283 -10.68 -13.71 22.39
CA ALA A 283 -11.68 -14.76 22.32
C ALA A 283 -12.66 -14.53 21.16
N ASP A 284 -13.09 -13.28 20.98
CA ASP A 284 -14.12 -12.97 19.99
C ASP A 284 -13.64 -13.14 18.54
N VAL A 285 -12.40 -12.74 18.28
CA VAL A 285 -11.81 -12.88 16.95
C VAL A 285 -11.49 -14.35 16.65
N GLN A 286 -11.00 -15.06 17.67
CA GLN A 286 -10.78 -16.50 17.60
C GLN A 286 -12.09 -17.22 17.22
N ALA A 287 -13.19 -16.78 17.82
CA ALA A 287 -14.53 -17.31 17.53
C ALA A 287 -15.00 -16.95 16.12
N GLN A 288 -14.71 -15.72 15.68
CA GLN A 288 -15.02 -15.30 14.30
C GLN A 288 -14.29 -16.20 13.31
N LEU A 289 -13.01 -16.46 13.58
CA LEU A 289 -12.19 -17.35 12.76
C LEU A 289 -12.77 -18.75 12.71
N ARG A 290 -13.23 -19.24 13.87
CA ARG A 290 -13.88 -20.54 13.96
C ARG A 290 -15.11 -20.61 13.05
N ASP A 291 -16.00 -19.64 13.20
CA ASP A 291 -17.25 -19.59 12.44
C ASP A 291 -17.05 -19.34 10.95
N ARG A 292 -15.93 -18.73 10.59
CA ARG A 292 -15.60 -18.49 9.19
C ARG A 292 -15.17 -19.77 8.50
N TYR A 293 -14.19 -20.47 9.09
CA TYR A 293 -13.75 -21.79 8.61
C TYR A 293 -14.90 -22.79 8.58
N ALA A 294 -15.78 -22.72 9.59
CA ALA A 294 -16.96 -23.57 9.67
C ALA A 294 -17.87 -23.34 8.47
N GLU A 295 -18.36 -22.11 8.30
CA GLU A 295 -19.32 -21.81 7.24
C GLU A 295 -18.75 -22.01 5.84
N LEU A 296 -17.43 -21.94 5.71
CA LEU A 296 -16.77 -22.16 4.43
C LEU A 296 -16.72 -23.63 4.06
N PHE A 297 -16.38 -24.48 5.02
CA PHE A 297 -16.36 -25.93 4.80
C PHE A 297 -17.77 -26.50 4.69
N ALA A 298 -18.72 -25.86 5.34
CA ALA A 298 -20.12 -26.24 5.24
C ALA A 298 -20.61 -26.06 3.80
N LEU A 299 -20.10 -25.03 3.13
CA LEU A 299 -20.39 -24.84 1.71
C LEU A 299 -19.60 -25.81 0.85
N PHE A 300 -18.36 -26.10 1.24
CA PHE A 300 -17.55 -27.09 0.52
C PHE A 300 -18.21 -28.47 0.57
N TRP A 301 -18.66 -28.85 1.76
CA TRP A 301 -19.30 -30.15 1.97
C TRP A 301 -20.64 -30.21 1.25
N ARG A 302 -21.30 -29.06 1.15
CA ARG A 302 -22.54 -28.94 0.39
C ARG A 302 -22.28 -29.17 -1.09
N LYS A 303 -21.09 -28.81 -1.56
CA LYS A 303 -20.71 -28.97 -2.97
C LYS A 303 -19.64 -30.04 -3.16
N ARG A 304 -19.63 -31.04 -2.27
CA ARG A 304 -18.61 -32.11 -2.29
C ARG A 304 -18.56 -32.92 -3.58
N ASP A 305 -19.72 -33.03 -4.25
CA ASP A 305 -19.85 -33.74 -5.52
C ASP A 305 -19.10 -33.05 -6.64
N LYS A 306 -18.81 -31.76 -6.47
CA LYS A 306 -18.16 -30.98 -7.51
C LYS A 306 -16.71 -30.62 -7.18
N ILE A 307 -16.31 -30.88 -5.93
CA ILE A 307 -14.94 -30.58 -5.46
C ILE A 307 -14.15 -31.88 -5.24
N ALA A 308 -12.88 -31.85 -5.65
CA ALA A 308 -11.99 -32.99 -5.54
C ALA A 308 -11.02 -32.88 -4.36
N ARG A 309 -10.66 -31.66 -4.01
CA ARG A 309 -9.63 -31.41 -3.00
C ARG A 309 -9.78 -30.04 -2.34
N VAL A 310 -9.56 -30.00 -1.02
CA VAL A 310 -9.43 -28.74 -0.29
C VAL A 310 -8.09 -28.78 0.44
N SER A 311 -7.18 -27.88 0.05
CA SER A 311 -5.87 -27.79 0.67
C SER A 311 -5.66 -26.45 1.38
N VAL A 312 -5.44 -26.51 2.69
CA VAL A 312 -5.05 -25.33 3.47
C VAL A 312 -3.58 -25.02 3.19
N TRP A 313 -3.22 -23.74 3.22
CA TRP A 313 -1.85 -23.36 2.89
C TRP A 313 -0.94 -23.37 4.12
N GLY A 314 -0.61 -24.58 4.57
CA GLY A 314 0.22 -24.76 5.76
C GLY A 314 -0.53 -25.40 6.91
N VAL A 315 0.23 -25.85 7.91
CA VAL A 315 -0.32 -26.57 9.05
C VAL A 315 -0.53 -25.63 10.23
N SER A 316 0.59 -25.08 10.72
CA SER A 316 0.63 -24.26 11.93
C SER A 316 0.84 -22.80 11.58
N ASP A 317 0.19 -21.91 12.34
CA ASP A 317 0.25 -20.47 12.09
C ASP A 317 1.66 -19.90 11.95
N ASP A 318 2.58 -20.36 12.79
CA ASP A 318 3.94 -19.77 12.91
C ASP A 318 4.77 -19.80 11.62
N MET A 319 4.37 -20.61 10.66
CA MET A 319 5.07 -20.67 9.38
C MET A 319 4.17 -20.34 8.19
N SER A 320 3.11 -19.58 8.46
CA SER A 320 2.25 -19.08 7.41
C SER A 320 2.87 -17.87 6.74
N TRP A 321 2.74 -17.80 5.43
CA TRP A 321 3.22 -16.67 4.65
C TRP A 321 2.51 -15.37 5.01
N LYS A 322 1.35 -15.51 5.63
CA LYS A 322 0.52 -14.35 6.00
C LYS A 322 1.11 -13.52 7.14
N ASN A 323 2.12 -14.05 7.82
CA ASN A 323 2.81 -13.30 8.86
C ASN A 323 3.59 -12.11 8.29
N ASP A 324 4.38 -12.37 7.25
CA ASP A 324 5.22 -11.34 6.64
C ASP A 324 4.66 -10.76 5.35
N TYR A 325 3.62 -11.37 4.80
CA TYR A 325 2.98 -10.83 3.60
C TYR A 325 1.50 -10.52 3.83
N PRO A 326 1.00 -9.37 3.30
CA PRO A 326 1.71 -8.33 2.55
C PRO A 326 2.46 -7.30 3.39
N VAL A 327 2.28 -7.35 4.71
CA VAL A 327 3.03 -6.50 5.62
C VAL A 327 4.01 -7.38 6.39
N PRO A 328 5.32 -7.11 6.24
CA PRO A 328 6.33 -7.88 6.95
C PRO A 328 6.27 -7.66 8.46
N GLY A 329 6.63 -8.71 9.21
CA GLY A 329 6.76 -8.63 10.66
C GLY A 329 5.49 -8.60 11.48
N ARG A 330 4.37 -8.98 10.87
CA ARG A 330 3.09 -9.02 11.61
C ARG A 330 2.84 -10.39 12.23
N THR A 331 1.75 -10.49 13.00
CA THR A 331 1.37 -11.75 13.66
C THR A 331 -0.06 -12.12 13.28
N ASN A 332 -0.19 -12.87 12.19
CA ASN A 332 -1.49 -13.31 11.68
C ASN A 332 -1.83 -14.70 12.21
N TYR A 333 -3.11 -15.07 12.15
CA TYR A 333 -3.57 -16.35 12.68
C TYR A 333 -4.42 -17.13 11.66
N PRO A 334 -3.87 -17.41 10.47
CA PRO A 334 -4.72 -17.79 9.34
C PRO A 334 -5.00 -19.29 9.13
N LEU A 335 -4.44 -20.16 9.96
CA LEU A 335 -4.53 -21.60 9.72
C LEU A 335 -5.27 -22.34 10.83
N LEU A 336 -5.27 -23.67 10.78
CA LEU A 336 -6.06 -24.48 11.70
C LEU A 336 -5.34 -24.88 12.99
N PHE A 337 -4.03 -24.66 13.04
CA PHE A 337 -3.21 -25.00 14.21
C PHE A 337 -2.41 -23.82 14.73
N ASP A 338 -2.39 -23.67 16.05
CA ASP A 338 -1.64 -22.60 16.72
C ASP A 338 -0.12 -22.84 16.69
N ARG A 339 0.64 -21.90 17.23
CA ARG A 339 2.11 -21.94 17.20
C ARG A 339 2.73 -22.97 18.15
N ASN A 340 1.86 -23.66 18.90
CA ASN A 340 2.28 -24.79 19.73
C ASN A 340 1.71 -26.08 19.16
N HIS A 341 1.32 -26.00 17.88
CA HIS A 341 0.85 -27.15 17.10
C HIS A 341 -0.35 -27.86 17.74
N GLN A 342 -1.21 -27.06 18.35
CA GLN A 342 -2.44 -27.53 18.97
C GLN A 342 -3.62 -27.09 18.12
N PRO A 343 -4.68 -27.91 18.09
CA PRO A 343 -5.82 -27.60 17.25
C PRO A 343 -6.50 -26.33 17.73
N LYS A 344 -6.70 -25.38 16.83
CA LYS A 344 -7.48 -24.19 17.14
C LYS A 344 -8.97 -24.53 17.18
N PRO A 345 -9.79 -23.73 17.91
CA PRO A 345 -11.24 -23.96 17.94
C PRO A 345 -11.83 -24.18 16.54
N ALA A 346 -11.19 -23.61 15.52
CA ALA A 346 -11.63 -23.75 14.14
C ALA A 346 -11.48 -25.16 13.58
N LEU A 347 -10.44 -25.87 14.02
CA LEU A 347 -10.22 -27.25 13.56
C LEU A 347 -11.39 -28.15 13.95
N ASP A 348 -11.76 -28.12 15.23
CA ASP A 348 -12.85 -28.95 15.73
C ASP A 348 -14.16 -28.66 15.00
N ALA A 349 -14.34 -27.40 14.61
CA ALA A 349 -15.49 -26.97 13.83
C ALA A 349 -15.44 -27.59 12.43
N VAL A 350 -14.30 -27.47 11.78
CA VAL A 350 -14.11 -28.03 10.44
C VAL A 350 -14.33 -29.55 10.42
N VAL A 351 -13.73 -30.25 11.38
CA VAL A 351 -13.90 -31.69 11.52
C VAL A 351 -15.38 -32.08 11.70
N ALA A 352 -16.14 -31.24 12.41
CA ALA A 352 -17.53 -31.56 12.75
C ALA A 352 -18.54 -31.38 11.61
N VAL A 353 -18.16 -30.63 10.56
CA VAL A 353 -19.07 -30.30 9.45
C VAL A 353 -19.72 -31.51 8.75
N PRO A 354 -18.91 -32.52 8.34
CA PRO A 354 -19.48 -33.68 7.63
C PRO A 354 -20.43 -34.54 8.48
N SER A 355 -20.33 -34.42 9.81
CA SER A 355 -21.18 -35.16 10.73
C SER A 355 -22.60 -34.59 10.84
N ALA A 356 -22.82 -33.40 10.28
CA ALA A 356 -24.18 -32.85 10.14
C ALA A 356 -24.83 -33.40 8.87
N THR A 357 -25.81 -34.29 9.08
CA THR A 357 -26.49 -35.00 7.98
C THR A 357 -27.31 -34.09 7.09
N THR B 2 -17.50 35.70 15.30
CA THR B 2 -17.89 34.45 14.57
C THR B 2 -16.87 34.05 13.49
N SER B 3 -16.07 35.01 13.04
CA SER B 3 -15.00 34.75 12.07
C SER B 3 -13.81 34.06 12.73
N LEU B 4 -13.08 33.27 11.94
CA LEU B 4 -11.95 32.48 12.44
C LEU B 4 -10.76 33.35 12.87
N LYS B 5 -10.36 34.29 12.01
CA LYS B 5 -9.22 35.16 12.27
C LYS B 5 -9.48 36.13 13.44
N GLN B 6 -10.73 36.52 13.61
CA GLN B 6 -11.15 37.41 14.70
C GLN B 6 -11.05 36.72 16.04
N ALA B 7 -11.47 35.45 16.09
CA ALA B 7 -11.41 34.66 17.31
C ALA B 7 -9.96 34.44 17.74
N TYR B 8 -9.11 34.12 16.76
CA TYR B 8 -7.71 33.81 17.03
C TYR B 8 -6.78 34.99 16.76
N ALA B 9 -7.32 36.19 16.84
CA ALA B 9 -6.55 37.41 16.58
C ALA B 9 -5.40 37.58 17.57
N GLN B 10 -5.68 37.36 18.85
CA GLN B 10 -4.73 37.60 19.94
C GLN B 10 -3.79 36.42 20.21
N GLY B 11 -3.62 35.55 19.21
CA GLY B 11 -2.83 34.34 19.36
C GLY B 11 -1.88 34.08 18.21
N PHE B 12 -2.44 33.92 17.02
CA PHE B 12 -1.67 33.62 15.80
C PHE B 12 -2.51 33.85 14.55
N LEU B 13 -1.83 34.05 13.42
CA LEU B 13 -2.49 34.15 12.12
C LEU B 13 -3.25 32.85 11.83
N LEU B 14 -4.48 32.99 11.34
CA LEU B 14 -5.26 31.82 10.96
C LEU B 14 -5.54 31.84 9.46
N GLY B 15 -4.83 30.98 8.74
CA GLY B 15 -4.85 30.99 7.28
C GLY B 15 -5.22 29.68 6.61
N THR B 16 -5.08 29.66 5.29
CA THR B 16 -5.48 28.52 4.47
C THR B 16 -4.69 28.45 3.17
N ALA B 17 -4.79 27.31 2.49
CA ALA B 17 -4.21 27.15 1.17
C ALA B 17 -5.23 27.48 0.09
N VAL B 18 -4.76 28.14 -0.97
CA VAL B 18 -5.63 28.52 -2.08
C VAL B 18 -5.18 27.87 -3.39
N ASN B 19 -6.15 27.43 -4.18
CA ASN B 19 -5.89 26.82 -5.48
C ASN B 19 -6.14 27.81 -6.62
N ALA B 20 -5.81 27.39 -7.84
CA ALA B 20 -5.98 28.23 -9.04
C ALA B 20 -7.43 28.68 -9.23
N ASP B 21 -8.37 27.82 -8.86
CA ASP B 21 -9.79 28.10 -9.02
C ASP B 21 -10.28 29.23 -8.11
N ILE B 22 -9.75 29.29 -6.90
CA ILE B 22 -10.05 30.38 -5.96
C ILE B 22 -9.44 31.69 -6.43
N VAL B 23 -8.17 31.62 -6.84
CA VAL B 23 -7.38 32.76 -7.30
C VAL B 23 -7.95 33.40 -8.56
N SER B 24 -8.29 32.59 -9.56
CA SER B 24 -8.86 33.08 -10.81
C SER B 24 -10.31 33.53 -10.65
N GLY B 25 -10.91 33.20 -9.51
CA GLY B 25 -12.28 33.59 -9.20
C GLY B 25 -13.32 32.62 -9.73
N LYS B 26 -12.88 31.49 -10.26
CA LYS B 26 -13.77 30.43 -10.74
C LYS B 26 -14.57 29.81 -9.59
N ASP B 27 -13.91 29.65 -8.45
CA ASP B 27 -14.59 29.22 -7.23
C ASP B 27 -14.85 30.45 -6.36
N ALA B 28 -15.87 31.21 -6.75
CA ALA B 28 -16.28 32.42 -6.03
C ALA B 28 -16.80 32.09 -4.63
N ALA B 29 -17.43 30.93 -4.51
CA ALA B 29 -17.96 30.43 -3.23
C ALA B 29 -16.87 30.30 -2.17
N SER B 30 -15.78 29.62 -2.53
CA SER B 30 -14.63 29.46 -1.63
C SER B 30 -13.91 30.78 -1.44
N ALA B 31 -13.84 31.58 -2.51
CA ALA B 31 -13.17 32.88 -2.49
C ALA B 31 -13.77 33.82 -1.45
N ALA B 32 -15.09 33.92 -1.44
CA ALA B 32 -15.82 34.77 -0.49
C ALA B 32 -15.56 34.36 0.96
N LEU B 33 -15.34 33.05 1.17
CA LEU B 33 -15.08 32.52 2.51
C LEU B 33 -13.64 32.71 2.97
N VAL B 34 -12.73 32.97 2.03
CA VAL B 34 -11.33 33.26 2.36
C VAL B 34 -11.21 34.65 2.99
N ALA B 35 -11.91 35.63 2.40
CA ALA B 35 -11.90 37.01 2.90
C ALA B 35 -12.50 37.11 4.30
N CYS B 36 -13.65 36.45 4.51
CA CYS B 36 -14.37 36.50 5.77
C CYS B 36 -13.65 35.78 6.92
N HIS B 37 -12.91 34.71 6.61
CA HIS B 37 -12.38 33.82 7.65
C HIS B 37 -10.87 33.82 7.89
N PHE B 38 -10.08 34.07 6.85
CA PHE B 38 -8.62 33.90 6.94
C PHE B 38 -7.83 35.19 6.71
N ASN B 39 -6.67 35.26 7.35
CA ASN B 39 -5.74 36.39 7.19
C ASN B 39 -4.35 35.96 6.71
N ALA B 40 -4.26 34.73 6.24
CA ALA B 40 -3.02 34.19 5.66
C ALA B 40 -3.32 33.20 4.55
N VAL B 41 -2.48 33.17 3.52
CA VAL B 41 -2.67 32.29 2.37
C VAL B 41 -1.38 31.63 1.87
N THR B 42 -1.48 30.35 1.52
CA THR B 42 -0.40 29.58 0.93
C THR B 42 -0.84 29.03 -0.42
N ALA B 43 -0.03 29.25 -1.45
CA ALA B 43 -0.35 28.73 -2.78
C ALA B 43 -0.19 27.21 -2.82
N GLU B 44 -1.27 26.52 -3.19
CA GLU B 44 -1.33 25.06 -3.12
C GLU B 44 -0.38 24.32 -4.06
N ASN B 45 -0.17 24.88 -5.26
CA ASN B 45 0.68 24.23 -6.27
C ASN B 45 1.44 25.17 -7.20
N VAL B 46 0.89 26.36 -7.45
CA VAL B 46 1.35 27.25 -8.52
C VAL B 46 2.79 27.78 -8.36
N MET B 47 3.33 27.66 -7.15
CA MET B 47 4.70 28.11 -6.87
C MET B 47 5.70 26.95 -6.76
N LYS B 48 5.24 25.73 -6.94
CA LYS B 48 6.10 24.56 -6.90
C LYS B 48 6.94 24.46 -8.17
N ALA B 49 8.17 23.96 -8.01
CA ALA B 49 9.18 23.94 -9.06
C ALA B 49 8.67 23.51 -10.44
N GLU B 50 7.90 22.42 -10.49
CA GLU B 50 7.42 21.86 -11.78
C GLU B 50 6.41 22.75 -12.52
N VAL B 51 5.89 23.76 -11.83
CA VAL B 51 4.97 24.72 -12.43
C VAL B 51 5.74 25.98 -12.79
N VAL B 52 6.57 26.44 -11.86
CA VAL B 52 7.40 27.62 -12.03
C VAL B 52 8.43 27.44 -13.15
N ALA B 53 9.11 26.29 -13.16
CA ALA B 53 10.14 26.01 -14.16
C ALA B 53 10.01 24.60 -14.77
N PRO B 54 9.00 24.40 -15.63
CA PRO B 54 8.68 23.07 -16.18
C PRO B 54 9.82 22.40 -16.96
N ARG B 55 10.45 23.13 -17.88
CA ARG B 55 11.50 22.57 -18.73
C ARG B 55 12.81 23.36 -18.62
N ARG B 56 13.90 22.76 -19.10
CA ARG B 56 15.22 23.40 -19.05
C ARG B 56 15.20 24.78 -19.72
N GLY B 57 15.57 25.79 -18.94
CA GLY B 57 15.57 27.18 -19.40
C GLY B 57 14.22 27.68 -19.87
N VAL B 58 13.15 27.13 -19.29
CA VAL B 58 11.79 27.60 -19.54
C VAL B 58 11.13 27.91 -18.20
N GLN B 59 10.56 29.10 -18.09
CA GLN B 59 9.91 29.53 -16.85
C GLN B 59 8.45 29.89 -17.07
N ASP B 60 7.65 29.78 -16.00
CA ASP B 60 6.22 30.06 -16.05
C ASP B 60 5.74 30.60 -14.71
N PHE B 61 5.43 31.89 -14.67
CA PHE B 61 5.00 32.54 -13.43
C PHE B 61 3.55 33.05 -13.50
N SER B 62 2.89 32.82 -14.63
CA SER B 62 1.54 33.33 -14.88
C SER B 62 0.59 33.10 -13.69
N ALA B 63 0.43 31.84 -13.30
CA ALA B 63 -0.46 31.46 -12.19
C ALA B 63 0.08 31.90 -10.82
N ALA B 64 1.40 31.87 -10.68
CA ALA B 64 2.07 32.31 -9.45
C ALA B 64 1.93 33.81 -9.22
N ASP B 65 2.01 34.58 -10.31
CA ASP B 65 1.83 36.04 -10.28
C ASP B 65 0.40 36.40 -9.87
N ALA B 66 -0.55 35.59 -10.33
CA ALA B 66 -1.96 35.80 -10.03
C ALA B 66 -2.25 35.58 -8.55
N PHE B 67 -1.56 34.61 -7.96
CA PHE B 67 -1.68 34.31 -6.52
C PHE B 67 -1.24 35.49 -5.67
N VAL B 68 -0.13 36.09 -6.04
CA VAL B 68 0.41 37.26 -5.34
C VAL B 68 -0.53 38.47 -5.49
N ALA B 69 -1.09 38.65 -6.69
CA ALA B 69 -2.05 39.72 -6.95
C ALA B 69 -3.31 39.54 -6.11
N TYR B 70 -3.81 38.31 -6.06
CA TYR B 70 -4.99 37.95 -5.27
C TYR B 70 -4.80 38.22 -3.78
N ALA B 71 -3.57 38.04 -3.30
CA ALA B 71 -3.24 38.20 -1.88
C ALA B 71 -3.30 39.67 -1.42
N GLN B 72 -2.88 40.59 -2.29
CA GLN B 72 -2.91 42.03 -1.99
C GLN B 72 -4.33 42.61 -2.03
N ARG B 73 -5.21 41.96 -2.78
CA ARG B 73 -6.64 42.33 -2.87
C ARG B 73 -7.27 42.54 -1.49
N ASP B 74 -7.02 41.59 -0.59
CA ASP B 74 -7.51 41.69 0.79
C ASP B 74 -6.38 41.60 1.83
N ARG B 75 -5.18 42.04 1.43
CA ARG B 75 -4.00 42.20 2.30
C ARG B 75 -3.79 41.07 3.32
N GLN B 76 -3.20 39.98 2.85
CA GLN B 76 -2.98 38.81 3.69
C GLN B 76 -1.52 38.40 3.74
N PHE B 77 -1.14 37.74 4.83
CA PHE B 77 0.22 37.26 5.03
C PHE B 77 0.55 36.21 3.95
N VAL B 78 1.46 36.56 3.04
CA VAL B 78 1.78 35.70 1.90
C VAL B 78 2.88 34.69 2.21
N VAL B 79 2.52 33.41 2.14
CA VAL B 79 3.46 32.32 2.31
C VAL B 79 3.71 31.66 0.96
N GLY B 80 4.93 31.82 0.45
CA GLY B 80 5.33 31.20 -0.80
C GLY B 80 5.67 29.75 -0.53
N HIS B 81 4.96 28.84 -1.21
CA HIS B 81 5.14 27.41 -0.95
C HIS B 81 6.25 26.72 -1.73
N THR B 82 7.34 26.53 -1.01
CA THR B 82 8.45 25.61 -1.33
C THR B 82 9.38 25.93 -2.51
N LEU B 83 10.64 26.16 -2.16
CA LEU B 83 11.69 26.48 -3.11
C LEU B 83 12.54 25.24 -3.37
N VAL B 84 12.94 24.54 -2.31
CA VAL B 84 13.73 23.32 -2.43
C VAL B 84 12.98 22.13 -1.83
N TRP B 85 12.60 21.18 -2.69
CA TRP B 85 11.85 20.00 -2.30
C TRP B 85 12.13 18.86 -3.27
N HIS B 86 12.21 17.64 -2.76
CA HIS B 86 12.51 16.47 -3.61
C HIS B 86 11.38 16.08 -4.54
N ASN B 87 10.15 16.39 -4.14
CA ASN B 87 8.96 16.15 -4.98
C ASN B 87 8.56 17.36 -5.81
N GLN B 88 7.81 17.09 -6.88
CA GLN B 88 7.28 18.12 -7.78
C GLN B 88 8.34 19.07 -8.31
N THR B 89 9.52 18.50 -8.57
CA THR B 89 10.66 19.22 -9.13
C THR B 89 11.17 18.40 -10.31
N PRO B 90 11.15 18.99 -11.53
CA PRO B 90 11.50 18.28 -12.76
C PRO B 90 12.89 17.67 -12.74
N GLU B 91 13.08 16.59 -13.50
CA GLU B 91 14.33 15.84 -13.54
C GLU B 91 15.51 16.63 -14.09
N TRP B 92 15.23 17.65 -14.91
CA TRP B 92 16.29 18.46 -15.53
C TRP B 92 17.07 19.30 -14.50
N PHE B 93 16.47 19.50 -13.33
CA PHE B 93 17.11 20.19 -12.22
C PHE B 93 18.39 19.50 -11.75
N PHE B 94 18.48 18.19 -11.95
CA PHE B 94 19.57 17.38 -11.40
C PHE B 94 20.53 16.85 -12.45
N THR B 95 20.34 17.27 -13.70
CA THR B 95 21.18 16.81 -14.81
C THR B 95 21.62 17.98 -15.68
N THR B 96 22.65 17.75 -16.49
CA THR B 96 23.10 18.74 -17.48
C THR B 96 22.31 18.57 -18.77
N ALA B 97 22.60 19.41 -19.76
CA ALA B 97 21.96 19.32 -21.07
C ALA B 97 22.41 18.08 -21.85
N ASP B 98 23.56 17.52 -21.46
CA ASP B 98 24.04 16.26 -22.03
C ASP B 98 23.45 15.04 -21.32
N GLY B 99 22.77 15.28 -20.20
CA GLY B 99 22.12 14.22 -19.44
C GLY B 99 22.96 13.62 -18.32
N ARG B 100 24.12 14.22 -18.05
CA ARG B 100 24.96 13.79 -16.93
C ARG B 100 24.41 14.29 -15.60
N PRO B 101 24.51 13.46 -14.54
CA PRO B 101 24.08 13.88 -13.20
C PRO B 101 24.96 15.01 -12.66
N ASN B 102 24.32 16.09 -12.21
CA ASN B 102 25.02 17.30 -11.74
C ASN B 102 26.06 17.07 -10.66
N THR B 103 27.16 17.81 -10.74
CA THR B 103 28.19 17.80 -9.71
C THR B 103 27.73 18.71 -8.56
N PRO B 104 28.30 18.51 -7.35
CA PRO B 104 28.00 19.37 -6.20
C PRO B 104 27.89 20.85 -6.57
N ALA B 105 28.88 21.36 -7.30
CA ALA B 105 28.92 22.76 -7.74
C ALA B 105 27.77 23.11 -8.71
N GLN B 106 27.54 22.23 -9.69
CA GLN B 106 26.48 22.43 -10.68
C GLN B 106 25.10 22.53 -10.03
N GLN B 107 24.88 21.71 -9.00
CA GLN B 107 23.60 21.65 -8.33
C GLN B 107 23.33 22.89 -7.47
N LEU B 108 24.34 23.32 -6.73
CA LEU B 108 24.20 24.52 -5.89
C LEU B 108 23.92 25.75 -6.76
N GLU B 109 24.49 25.75 -7.96
CA GLU B 109 24.18 26.79 -8.95
C GLU B 109 22.72 26.73 -9.39
N ARG B 110 22.24 25.53 -9.69
CA ARG B 110 20.83 25.32 -10.01
C ARG B 110 19.93 25.80 -8.87
N MET B 111 20.34 25.51 -7.63
CA MET B 111 19.62 25.97 -6.46
C MET B 111 19.62 27.50 -6.38
N ARG B 112 20.79 28.10 -6.56
CA ARG B 112 20.94 29.55 -6.53
C ARG B 112 20.00 30.21 -7.55
N ALA B 113 20.14 29.80 -8.81
CA ALA B 113 19.39 30.37 -9.93
C ALA B 113 17.88 30.24 -9.75
N HIS B 114 17.45 29.13 -9.15
CA HIS B 114 16.03 28.89 -8.90
C HIS B 114 15.47 29.84 -7.85
N ILE B 115 16.09 29.87 -6.67
CA ILE B 115 15.67 30.77 -5.58
C ILE B 115 15.72 32.24 -6.02
N ALA B 116 16.72 32.59 -6.82
CA ALA B 116 16.83 33.95 -7.37
C ALA B 116 15.62 34.30 -8.24
N ALA B 117 15.18 33.35 -9.05
CA ALA B 117 14.06 33.54 -9.96
C ALA B 117 12.70 33.61 -9.26
N VAL B 118 12.52 32.77 -8.23
CA VAL B 118 11.23 32.67 -7.52
C VAL B 118 11.14 33.63 -6.34
N ALA B 119 12.12 33.58 -5.44
CA ALA B 119 12.12 34.42 -4.24
C ALA B 119 12.37 35.90 -4.55
N GLY B 120 13.29 36.14 -5.47
CA GLY B 120 13.65 37.50 -5.89
C GLY B 120 12.52 38.24 -6.58
N ARG B 121 11.68 37.50 -7.28
CA ARG B 121 10.54 38.05 -8.00
C ARG B 121 9.48 38.64 -7.07
N TYR B 122 9.43 38.16 -5.84
CA TYR B 122 8.38 38.53 -4.90
C TYR B 122 8.94 39.13 -3.60
N THR B 123 9.81 40.13 -3.76
CA THR B 123 10.35 40.83 -2.60
C THR B 123 9.38 41.92 -2.18
N GLY B 124 9.03 41.93 -0.89
CA GLY B 124 8.05 42.86 -0.34
C GLY B 124 6.62 42.38 -0.50
N LYS B 125 6.41 41.46 -1.44
CA LYS B 125 5.10 40.93 -1.76
C LYS B 125 4.83 39.58 -1.08
N VAL B 126 5.87 38.77 -0.91
CA VAL B 126 5.78 37.53 -0.13
C VAL B 126 6.42 37.75 1.23
N GLN B 127 5.67 37.45 2.29
CA GLN B 127 6.13 37.66 3.65
C GLN B 127 7.00 36.53 4.18
N ALA B 128 6.74 35.31 3.72
CA ALA B 128 7.43 34.13 4.22
C ALA B 128 7.57 33.03 3.18
N TRP B 129 8.71 32.33 3.23
CA TRP B 129 9.01 31.28 2.25
C TRP B 129 9.23 29.94 2.93
N ASP B 130 8.63 28.89 2.38
CA ASP B 130 8.95 27.53 2.77
C ASP B 130 10.23 27.11 2.03
N VAL B 131 11.37 27.55 2.58
CA VAL B 131 12.67 27.45 1.91
C VAL B 131 13.08 26.00 1.60
N VAL B 132 13.08 25.16 2.62
CA VAL B 132 13.30 23.72 2.46
C VAL B 132 12.09 22.97 2.99
N ASN B 133 11.73 21.89 2.31
CA ASN B 133 10.52 21.14 2.63
C ASN B 133 10.77 19.64 2.64
N GLU B 134 10.48 19.00 3.78
CA GLU B 134 10.51 17.55 3.95
C GLU B 134 11.87 16.91 3.63
N ILE B 135 12.91 17.33 4.34
CA ILE B 135 14.25 16.80 4.08
C ILE B 135 14.74 15.80 5.14
N ILE B 136 14.07 15.81 6.29
CA ILE B 136 14.42 14.87 7.36
C ILE B 136 13.59 13.59 7.23
N ASP B 137 14.20 12.46 7.57
CA ASP B 137 13.54 11.16 7.51
C ASP B 137 12.80 10.91 8.83
N GLU B 138 12.17 9.75 8.96
CA GLU B 138 11.40 9.41 10.16
C GLU B 138 12.28 9.05 11.35
N ASP B 139 13.56 8.77 11.11
CA ASP B 139 14.50 8.40 12.17
C ASP B 139 15.33 9.60 12.67
N GLY B 140 15.26 10.71 11.93
CA GLY B 140 15.96 11.94 12.30
C GLY B 140 17.15 12.26 11.42
N SER B 141 17.57 11.31 10.61
CA SER B 141 18.63 11.53 9.64
C SER B 141 18.09 12.21 8.38
N TYR B 142 18.99 12.59 7.48
CA TYR B 142 18.60 13.20 6.21
C TYR B 142 18.07 12.14 5.26
N ARG B 143 17.01 12.48 4.53
CA ARG B 143 16.52 11.62 3.45
C ARG B 143 17.53 11.69 2.33
N SER B 144 17.82 10.56 1.70
CA SER B 144 18.70 10.54 0.55
C SER B 144 17.93 11.00 -0.69
N THR B 145 17.50 12.25 -0.67
CA THR B 145 16.73 12.83 -1.76
C THR B 145 17.65 13.19 -2.92
N ASN B 146 17.06 13.44 -4.08
CA ASN B 146 17.80 13.88 -5.25
C ASN B 146 18.74 15.06 -4.95
N TRP B 147 18.24 16.05 -4.20
CA TRP B 147 19.03 17.22 -3.81
C TRP B 147 20.23 16.83 -2.96
N VAL B 148 19.98 16.04 -1.92
CA VAL B 148 21.03 15.57 -1.01
C VAL B 148 22.12 14.83 -1.77
N GLN B 149 21.73 13.91 -2.64
CA GLN B 149 22.68 13.14 -3.45
C GLN B 149 23.54 14.03 -4.35
N ARG B 150 22.91 14.97 -5.04
CA ARG B 150 23.58 15.81 -6.02
C ARG B 150 24.55 16.80 -5.38
N VAL B 151 24.09 17.48 -4.32
CA VAL B 151 24.93 18.42 -3.57
C VAL B 151 25.97 17.66 -2.73
N GLY B 152 25.64 16.42 -2.38
CA GLY B 152 26.58 15.52 -1.73
C GLY B 152 26.33 15.33 -0.24
N ASP B 153 25.81 16.37 0.39
CA ASP B 153 25.72 16.40 1.84
C ASP B 153 24.43 17.11 2.30
N GLY B 154 23.75 16.53 3.28
CA GLY B 154 22.48 17.05 3.79
C GLY B 154 22.54 18.47 4.33
N ASP B 155 23.50 18.73 5.21
CA ASP B 155 23.72 20.06 5.76
C ASP B 155 24.01 21.10 4.68
N THR B 156 24.82 20.72 3.71
CA THR B 156 25.23 21.63 2.64
C THR B 156 24.01 22.12 1.85
N VAL B 157 23.01 21.25 1.72
CA VAL B 157 21.76 21.60 1.03
C VAL B 157 21.00 22.67 1.82
N VAL B 158 20.68 22.36 3.06
CA VAL B 158 19.86 23.24 3.92
C VAL B 158 20.55 24.58 4.20
N ARG B 159 21.86 24.52 4.45
CA ARG B 159 22.67 25.72 4.69
C ARG B 159 22.55 26.69 3.52
N ASN B 160 22.86 26.19 2.31
CA ASN B 160 22.82 27.00 1.08
C ASN B 160 21.43 27.49 0.67
N ALA B 161 20.42 26.64 0.80
CA ALA B 161 19.06 27.02 0.48
C ALA B 161 18.64 28.26 1.26
N PHE B 162 18.80 28.22 2.57
CA PHE B 162 18.43 29.34 3.44
C PHE B 162 19.30 30.57 3.22
N ALA B 163 20.60 30.34 2.97
CA ALA B 163 21.53 31.40 2.64
C ALA B 163 21.10 32.15 1.37
N PHE B 164 20.75 31.41 0.33
CA PHE B 164 20.28 31.98 -0.94
C PHE B 164 18.92 32.66 -0.81
N ALA B 165 18.10 32.17 0.12
CA ALA B 165 16.83 32.81 0.40
C ALA B 165 17.03 34.15 1.11
N GLN B 166 18.01 34.18 2.01
CA GLN B 166 18.34 35.38 2.79
C GLN B 166 18.95 36.48 1.92
N ARG B 167 19.72 36.07 0.92
CA ARG B 167 20.33 37.00 -0.03
C ARG B 167 19.29 37.56 -1.02
N TYR B 168 18.51 36.68 -1.64
CA TYR B 168 17.56 37.09 -2.68
C TYR B 168 16.18 37.51 -2.17
N ALA B 169 15.96 37.37 -0.86
CA ALA B 169 14.74 37.87 -0.22
C ALA B 169 14.99 38.23 1.25
N PRO B 170 15.72 39.33 1.50
CA PRO B 170 16.07 39.77 2.86
C PRO B 170 14.84 40.16 3.68
N ASP B 171 13.84 40.69 2.98
CA ASP B 171 12.58 41.14 3.57
C ASP B 171 11.74 40.00 4.14
N ALA B 172 11.90 38.81 3.55
CA ALA B 172 11.00 37.68 3.82
C ALA B 172 11.48 36.73 4.93
N GLN B 173 10.51 36.07 5.57
CA GLN B 173 10.77 35.09 6.62
C GLN B 173 11.08 33.70 6.06
N LEU B 174 12.00 33.00 6.69
CA LEU B 174 12.50 31.73 6.18
C LEU B 174 12.12 30.56 7.09
N TYR B 175 11.31 29.64 6.57
CA TYR B 175 10.79 28.51 7.35
C TYR B 175 11.29 27.16 6.87
N TYR B 176 11.28 26.18 7.77
CA TYR B 176 11.39 24.78 7.39
C TYR B 176 10.05 24.09 7.65
N ASN B 177 9.57 23.37 6.65
CA ASN B 177 8.28 22.70 6.72
C ASN B 177 8.48 21.20 6.55
N ASP B 178 7.72 20.40 7.30
CA ASP B 178 7.81 18.95 7.22
C ASP B 178 6.55 18.29 7.80
N PHE B 179 6.27 17.08 7.31
CA PHE B 179 5.19 16.25 7.86
C PHE B 179 5.75 15.29 8.93
N ASN B 180 4.85 14.75 9.76
CA ASN B 180 5.23 13.87 10.88
C ASN B 180 6.19 14.53 11.88
N ALA B 181 6.11 15.86 11.97
CA ALA B 181 7.03 16.65 12.78
C ALA B 181 6.89 16.40 14.28
N TRP B 182 5.75 15.83 14.67
CA TRP B 182 5.44 15.50 16.07
C TRP B 182 6.24 14.31 16.58
N ARG B 183 6.73 13.47 15.66
CA ARG B 183 7.45 12.24 16.00
C ARG B 183 8.80 12.53 16.64
N PRO B 184 9.01 12.07 17.88
CA PRO B 184 10.25 12.28 18.65
C PRO B 184 11.53 12.06 17.84
N ALA B 185 11.63 10.92 17.15
CA ALA B 185 12.80 10.60 16.34
C ALA B 185 13.06 11.63 15.24
N LYS B 186 11.98 12.06 14.57
CA LYS B 186 12.05 13.07 13.52
C LYS B 186 12.24 14.47 14.09
N ARG B 187 11.54 14.75 15.19
CA ARG B 187 11.62 16.05 15.88
C ARG B 187 13.07 16.38 16.24
N GLU B 188 13.75 15.44 16.89
CA GLU B 188 15.13 15.66 17.34
C GLU B 188 16.10 15.93 16.20
N GLY B 189 15.80 15.37 15.03
CA GLY B 189 16.61 15.58 13.83
C GLY B 189 16.42 16.99 13.27
N ILE B 190 15.19 17.49 13.35
CA ILE B 190 14.89 18.84 12.92
C ILE B 190 15.57 19.84 13.86
N VAL B 191 15.57 19.53 15.16
CA VAL B 191 16.22 20.37 16.17
C VAL B 191 17.72 20.47 15.91
N ARG B 192 18.36 19.35 15.59
CA ARG B 192 19.78 19.33 15.22
C ARG B 192 20.04 20.18 13.97
N MET B 193 19.08 20.16 13.05
CA MET B 193 19.19 20.89 11.80
C MET B 193 19.04 22.41 11.98
N VAL B 194 18.09 22.83 12.82
CA VAL B 194 17.93 24.24 13.14
C VAL B 194 19.13 24.74 13.95
N LYS B 195 19.62 23.92 14.88
CA LYS B 195 20.83 24.23 15.64
C LYS B 195 22.05 24.50 14.75
N MET B 196 22.20 23.70 13.70
CA MET B 196 23.36 23.85 12.81
C MET B 196 23.26 25.09 11.92
N LEU B 197 22.04 25.49 11.60
CA LEU B 197 21.80 26.67 10.77
C LEU B 197 22.16 27.95 11.51
N GLN B 198 21.74 28.02 12.77
CA GLN B 198 22.01 29.17 13.62
C GLN B 198 23.49 29.25 13.99
N GLN B 199 24.12 28.09 14.16
CA GLN B 199 25.56 27.99 14.38
C GLN B 199 26.37 28.52 13.21
N ALA B 200 25.80 28.41 12.01
CA ALA B 200 26.43 28.94 10.80
C ALA B 200 26.00 30.38 10.53
N GLY B 201 25.16 30.93 11.42
CA GLY B 201 24.69 32.31 11.31
C GLY B 201 23.74 32.55 10.16
N VAL B 202 23.05 31.49 9.73
CA VAL B 202 22.10 31.56 8.62
C VAL B 202 20.69 31.78 9.16
N ARG B 203 19.95 32.69 8.53
CA ARG B 203 18.61 33.07 8.95
C ARG B 203 17.60 31.94 8.78
N ILE B 204 16.90 31.63 9.88
CA ILE B 204 15.72 30.74 9.88
C ILE B 204 14.76 31.19 10.98
N ASP B 205 13.56 31.57 10.59
CA ASP B 205 12.61 32.22 11.48
C ASP B 205 11.58 31.27 12.11
N GLY B 206 11.33 30.12 11.47
CA GLY B 206 10.30 29.22 11.96
C GLY B 206 10.32 27.78 11.47
N VAL B 207 9.73 26.90 12.25
CA VAL B 207 9.54 25.50 11.91
C VAL B 207 8.03 25.24 11.68
N GLY B 208 7.73 24.63 10.54
CA GLY B 208 6.35 24.36 10.15
C GLY B 208 5.99 22.90 10.31
N MET B 209 5.06 22.64 11.21
CA MET B 209 4.48 21.32 11.36
C MET B 209 3.29 21.25 10.40
N GLN B 210 3.41 20.40 9.38
CA GLN B 210 2.40 20.32 8.33
C GLN B 210 0.99 20.09 8.87
N GLY B 211 0.86 19.17 9.82
CA GLY B 211 -0.42 18.93 10.48
C GLY B 211 -1.43 18.15 9.65
N HIS B 212 -0.95 17.39 8.67
CA HIS B 212 -1.80 16.45 7.96
C HIS B 212 -2.06 15.25 8.85
N TRP B 213 -3.02 15.42 9.75
CA TRP B 213 -3.26 14.45 10.80
C TRP B 213 -4.60 13.73 10.60
N GLY B 214 -4.98 12.91 11.57
CA GLY B 214 -6.23 12.17 11.53
C GLY B 214 -6.90 12.04 12.88
N LEU B 215 -7.92 11.21 12.94
CA LEU B 215 -8.67 10.99 14.17
C LEU B 215 -7.84 10.25 15.22
N ASN B 216 -7.08 9.26 14.79
CA ASN B 216 -6.34 8.40 15.71
C ASN B 216 -4.84 8.71 15.83
N TYR B 217 -4.40 9.80 15.20
CA TYR B 217 -3.01 10.25 15.27
C TYR B 217 -2.85 11.75 15.03
N PRO B 218 -1.87 12.38 15.69
CA PRO B 218 -0.99 11.81 16.72
C PRO B 218 -1.46 12.17 18.14
N SER B 219 -0.68 11.78 19.14
CA SER B 219 -1.02 12.10 20.52
C SER B 219 -0.77 13.58 20.81
N LEU B 220 -1.63 14.16 21.65
CA LEU B 220 -1.48 15.55 22.06
C LEU B 220 -0.18 15.76 22.83
N ARG B 221 0.31 14.68 23.44
CA ARG B 221 1.60 14.66 24.12
C ARG B 221 2.71 14.98 23.14
N ASP B 222 2.77 14.20 22.06
CA ASP B 222 3.77 14.36 21.00
C ASP B 222 3.70 15.73 20.34
N ILE B 223 2.48 16.22 20.11
CA ILE B 223 2.26 17.51 19.45
C ILE B 223 2.78 18.66 20.31
N GLU B 224 2.51 18.60 21.62
CA GLU B 224 2.95 19.63 22.54
C GLU B 224 4.47 19.61 22.71
N ASP B 225 5.02 18.42 22.92
CA ASP B 225 6.47 18.26 23.07
C ASP B 225 7.23 18.78 21.86
N ALA B 226 6.60 18.70 20.68
CA ALA B 226 7.19 19.20 19.44
C ALA B 226 7.22 20.72 19.40
N ILE B 227 6.07 21.34 19.69
CA ILE B 227 5.98 22.80 19.77
C ILE B 227 7.00 23.34 20.78
N ASP B 228 7.01 22.76 21.97
CA ASP B 228 7.97 23.12 23.01
C ASP B 228 9.41 23.05 22.52
N ALA B 229 9.78 21.94 21.89
CA ALA B 229 11.14 21.71 21.44
C ALA B 229 11.58 22.70 20.35
N TYR B 230 10.71 22.95 19.39
CA TYR B 230 11.01 23.91 18.31
C TYR B 230 11.08 25.34 18.83
N ALA B 231 10.27 25.63 19.86
CA ALA B 231 10.21 26.97 20.46
C ALA B 231 11.51 27.35 21.18
N ALA B 232 12.04 26.42 21.98
CA ALA B 232 13.26 26.65 22.76
C ALA B 232 14.47 26.98 21.89
N LEU B 233 14.30 26.88 20.58
CA LEU B 233 15.34 27.25 19.62
C LEU B 233 15.17 28.69 19.15
N GLY B 234 14.25 29.42 19.78
CA GLY B 234 14.03 30.84 19.52
C GLY B 234 13.38 31.16 18.19
N VAL B 235 12.69 30.18 17.60
CA VAL B 235 12.00 30.37 16.32
C VAL B 235 10.48 30.19 16.45
N LYS B 236 9.74 30.71 15.48
CA LYS B 236 8.28 30.58 15.46
C LYS B 236 7.87 29.13 15.17
N VAL B 237 6.73 28.73 15.72
CA VAL B 237 6.19 27.39 15.47
C VAL B 237 4.84 27.54 14.79
N MET B 238 4.67 26.88 13.65
CA MET B 238 3.45 27.00 12.85
C MET B 238 2.85 25.66 12.45
N ILE B 239 1.51 25.61 12.43
CA ILE B 239 0.81 24.49 11.82
C ILE B 239 0.35 24.96 10.44
N THR B 240 1.01 24.44 9.40
CA THR B 240 1.00 25.07 8.08
C THR B 240 0.03 24.48 7.06
N GLU B 241 -0.38 23.24 7.26
CA GLU B 241 -1.20 22.53 6.28
C GLU B 241 -2.21 21.60 6.95
N LEU B 242 -2.90 22.13 7.97
CA LEU B 242 -3.76 21.29 8.82
C LEU B 242 -4.99 20.73 8.11
N ASP B 243 -5.22 19.42 8.29
CA ASP B 243 -6.48 18.76 7.93
C ASP B 243 -6.63 17.45 8.70
N ILE B 244 -7.87 16.97 8.83
CA ILE B 244 -8.13 15.75 9.60
C ILE B 244 -8.70 14.64 8.73
N ASP B 245 -7.89 13.61 8.49
CA ASP B 245 -8.29 12.44 7.72
C ASP B 245 -9.27 11.59 8.51
N VAL B 246 -10.43 11.30 7.92
CA VAL B 246 -11.51 10.59 8.62
C VAL B 246 -11.82 9.19 8.06
N LEU B 247 -11.25 8.89 6.89
CA LEU B 247 -11.50 7.61 6.22
C LEU B 247 -10.60 6.50 6.75
N PRO B 248 -11.05 5.24 6.68
CA PRO B 248 -10.27 4.08 7.15
C PRO B 248 -8.82 4.03 6.64
N LEU B 249 -7.97 3.42 7.46
CA LEU B 249 -6.51 3.32 7.24
C LEU B 249 -5.77 4.65 7.37
N THR B 250 -6.19 5.65 6.59
CA THR B 250 -5.49 6.93 6.52
C THR B 250 -5.74 7.81 7.76
N LYS B 251 -6.78 7.47 8.52
CA LYS B 251 -7.08 8.14 9.77
C LYS B 251 -6.21 7.61 10.92
N GLU B 252 -5.43 6.56 10.63
CA GLU B 252 -4.56 5.93 11.62
C GLU B 252 -3.14 6.50 11.57
N GLY B 253 -2.71 6.95 10.39
CA GLY B 253 -1.35 7.44 10.17
C GLY B 253 -1.16 8.09 8.81
N GLN B 254 -0.15 8.96 8.71
CA GLN B 254 0.15 9.64 7.46
C GLN B 254 0.90 8.73 6.49
N ILE B 255 0.38 8.61 5.27
CA ILE B 255 0.96 7.76 4.23
C ILE B 255 1.57 8.60 3.11
N ILE B 256 2.69 8.11 2.58
CA ILE B 256 3.34 8.72 1.43
C ILE B 256 3.63 7.64 0.38
N GLY B 257 4.06 8.06 -0.81
CA GLY B 257 4.34 7.13 -1.91
C GLY B 257 3.08 6.82 -2.71
N THR B 258 3.24 6.03 -3.77
CA THR B 258 2.13 5.71 -4.66
C THR B 258 1.60 4.28 -4.48
N GLY B 259 1.82 3.72 -3.30
CA GLY B 259 1.37 2.37 -2.98
C GLY B 259 -0.14 2.22 -3.04
N MET B 260 -0.85 3.17 -2.46
CA MET B 260 -2.31 3.11 -2.35
C MET B 260 -3.04 3.46 -3.65
N ALA B 261 -2.31 4.07 -4.59
CA ALA B 261 -2.87 4.40 -5.90
C ALA B 261 -2.98 3.18 -6.80
N HIS B 262 -2.43 2.06 -6.33
CA HIS B 262 -2.50 0.78 -7.03
C HIS B 262 -3.94 0.42 -7.37
N LYS B 263 -4.15 -0.11 -8.57
CA LYS B 263 -5.50 -0.33 -9.10
C LYS B 263 -6.36 -1.34 -8.33
N GLN B 264 -5.73 -2.14 -7.47
CA GLN B 264 -6.45 -3.15 -6.70
C GLN B 264 -7.32 -2.56 -5.60
N PHE B 265 -7.01 -1.34 -5.17
CA PHE B 265 -7.80 -0.70 -4.12
C PHE B 265 -9.06 -0.04 -4.66
N GLN B 266 -9.17 0.04 -5.98
CA GLN B 266 -10.39 0.48 -6.64
C GLN B 266 -11.43 -0.66 -6.74
N LEU B 267 -10.98 -1.89 -6.49
CA LEU B 267 -11.84 -3.08 -6.53
C LEU B 267 -12.92 -3.02 -5.45
N PRO B 268 -14.11 -3.59 -5.74
CA PRO B 268 -15.30 -3.48 -4.86
C PRO B 268 -15.08 -3.78 -3.38
N GLU B 269 -14.40 -4.90 -3.07
CA GLU B 269 -14.19 -5.32 -1.68
C GLU B 269 -13.31 -4.36 -0.91
N PHE B 270 -12.46 -3.63 -1.63
CA PHE B 270 -11.63 -2.59 -1.02
C PHE B 270 -12.31 -1.23 -0.97
N LYS B 271 -13.05 -0.88 -2.02
CA LYS B 271 -13.79 0.38 -2.05
C LYS B 271 -14.87 0.40 -0.98
N ARG B 272 -15.40 -0.77 -0.64
CA ARG B 272 -16.40 -0.93 0.41
C ARG B 272 -15.79 -0.66 1.79
N PHE B 273 -14.53 -1.06 1.96
CA PHE B 273 -13.81 -0.81 3.20
C PHE B 273 -13.21 0.61 3.25
N LEU B 274 -12.50 0.99 2.19
CA LEU B 274 -11.76 2.25 2.17
C LEU B 274 -12.60 3.51 1.94
N ASP B 275 -13.73 3.38 1.24
CA ASP B 275 -14.57 4.55 0.93
C ASP B 275 -16.01 4.44 1.45
N PRO B 276 -16.20 4.37 2.79
CA PRO B 276 -17.53 4.09 3.34
C PRO B 276 -18.52 5.24 3.23
N TYR B 277 -18.04 6.47 3.38
CA TYR B 277 -18.95 7.61 3.54
C TYR B 277 -19.21 8.38 2.23
N ARG B 278 -19.61 7.66 1.19
CA ARG B 278 -19.95 8.28 -0.09
C ARG B 278 -21.29 9.01 -0.04
N ASP B 279 -22.18 8.53 0.82
CA ASP B 279 -23.53 9.10 0.96
C ASP B 279 -23.62 10.23 2.00
N GLY B 280 -22.48 10.56 2.61
CA GLY B 280 -22.43 11.60 3.63
C GLY B 280 -21.71 11.11 4.87
N LEU B 281 -21.12 12.04 5.61
CA LEU B 281 -20.43 11.74 6.87
C LEU B 281 -21.46 11.45 7.96
N PRO B 282 -21.46 10.22 8.50
CA PRO B 282 -22.42 9.86 9.55
C PRO B 282 -22.29 10.74 10.80
N ALA B 283 -23.39 10.88 11.54
CA ALA B 283 -23.47 11.76 12.71
C ALA B 283 -22.33 11.59 13.71
N ASP B 284 -22.06 10.34 14.09
CA ASP B 284 -21.05 10.01 15.10
C ASP B 284 -19.62 10.28 14.65
N VAL B 285 -19.38 10.20 13.34
CA VAL B 285 -18.06 10.47 12.78
C VAL B 285 -17.84 11.99 12.77
N GLN B 286 -18.88 12.73 12.45
CA GLN B 286 -18.82 14.19 12.48
C GLN B 286 -18.60 14.70 13.90
N ALA B 287 -19.21 14.02 14.87
CA ALA B 287 -18.96 14.28 16.29
C ALA B 287 -17.48 14.06 16.63
N GLN B 288 -16.92 12.92 16.18
CA GLN B 288 -15.50 12.61 16.35
C GLN B 288 -14.62 13.67 15.71
N LEU B 289 -15.00 14.10 14.51
CA LEU B 289 -14.26 15.12 13.76
C LEU B 289 -14.31 16.46 14.46
N ARG B 290 -15.50 16.82 14.94
CA ARG B 290 -15.69 18.04 15.73
C ARG B 290 -14.76 18.01 16.95
N ASP B 291 -14.85 16.93 17.73
CA ASP B 291 -14.04 16.77 18.93
C ASP B 291 -12.54 16.80 18.63
N ARG B 292 -12.16 16.15 17.53
CA ARG B 292 -10.75 16.11 17.12
C ARG B 292 -10.22 17.52 16.86
N TYR B 293 -10.95 18.30 16.06
CA TYR B 293 -10.61 19.69 15.82
C TYR B 293 -10.65 20.51 17.11
N ALA B 294 -11.61 20.20 17.97
CA ALA B 294 -11.80 20.93 19.22
C ALA B 294 -10.59 20.86 20.14
N GLU B 295 -10.08 19.64 20.36
CA GLU B 295 -8.95 19.45 21.27
C GLU B 295 -7.64 19.99 20.71
N LEU B 296 -7.46 19.89 19.40
CA LEU B 296 -6.24 20.35 18.73
C LEU B 296 -6.13 21.88 18.75
N PHE B 297 -7.22 22.56 18.42
CA PHE B 297 -7.25 24.02 18.50
C PHE B 297 -7.23 24.52 19.94
N ALA B 298 -7.81 23.75 20.86
CA ALA B 298 -7.72 24.04 22.28
C ALA B 298 -6.26 24.07 22.70
N LEU B 299 -5.49 23.13 22.17
CA LEU B 299 -4.05 23.03 22.43
C LEU B 299 -3.30 24.17 21.76
N PHE B 300 -3.64 24.47 20.52
CA PHE B 300 -3.00 25.57 19.79
C PHE B 300 -3.19 26.90 20.52
N TRP B 301 -4.42 27.13 21.00
CA TRP B 301 -4.75 28.35 21.73
C TRP B 301 -4.02 28.41 23.08
N ARG B 302 -3.82 27.25 23.69
CA ARG B 302 -3.11 27.17 24.97
C ARG B 302 -1.62 27.45 24.80
N LYS B 303 -1.09 27.20 23.60
CA LYS B 303 0.33 27.43 23.33
C LYS B 303 0.55 28.60 22.35
N ARG B 304 -0.44 29.50 22.31
CA ARG B 304 -0.45 30.62 21.36
C ARG B 304 0.79 31.52 21.39
N ASP B 305 1.45 31.60 22.54
CA ASP B 305 2.65 32.41 22.69
C ASP B 305 3.89 31.67 22.17
N LYS B 306 3.66 30.53 21.52
CA LYS B 306 4.72 29.78 20.85
C LYS B 306 4.35 29.53 19.39
N ILE B 307 3.06 29.65 19.09
CA ILE B 307 2.56 29.48 17.73
C ILE B 307 2.32 30.84 17.04
N ALA B 308 2.85 31.00 15.84
CA ALA B 308 2.72 32.24 15.08
C ALA B 308 1.70 32.14 13.94
N ARG B 309 1.34 30.92 13.56
CA ARG B 309 0.39 30.69 12.47
C ARG B 309 -0.22 29.29 12.51
N VAL B 310 -1.54 29.23 12.33
CA VAL B 310 -2.23 27.97 12.03
C VAL B 310 -3.00 28.11 10.72
N SER B 311 -2.61 27.30 9.73
CA SER B 311 -3.25 27.29 8.42
C SER B 311 -3.83 25.93 8.09
N VAL B 312 -5.11 25.88 7.75
CA VAL B 312 -5.72 24.66 7.25
C VAL B 312 -5.41 24.50 5.75
N TRP B 313 -5.29 23.25 5.30
CA TRP B 313 -4.93 23.01 3.91
C TRP B 313 -6.17 22.90 3.00
N GLY B 314 -6.79 24.05 2.77
CA GLY B 314 -8.01 24.12 1.97
C GLY B 314 -9.17 24.71 2.75
N VAL B 315 -10.18 25.16 2.02
CA VAL B 315 -11.37 25.77 2.62
C VAL B 315 -12.51 24.74 2.71
N SER B 316 -12.93 24.24 1.55
CA SER B 316 -14.05 23.31 1.45
C SER B 316 -13.60 21.88 1.15
N ASP B 317 -14.31 20.91 1.72
CA ASP B 317 -13.96 19.48 1.62
C ASP B 317 -13.59 19.02 0.20
N ASP B 318 -14.36 19.46 -0.79
CA ASP B 318 -14.22 18.97 -2.17
C ASP B 318 -12.88 19.28 -2.84
N MET B 319 -12.26 20.40 -2.45
CA MET B 319 -10.95 20.78 -3.01
C MET B 319 -9.81 19.92 -2.46
N SER B 320 -10.01 19.37 -1.26
CA SER B 320 -8.94 18.73 -0.51
C SER B 320 -8.31 17.55 -1.23
N TRP B 321 -6.98 17.61 -1.32
CA TRP B 321 -6.14 16.54 -1.89
C TRP B 321 -6.45 15.18 -1.24
N LYS B 322 -6.95 15.24 0.01
CA LYS B 322 -7.24 14.08 0.84
C LYS B 322 -8.32 13.14 0.28
N ASN B 323 -9.06 13.62 -0.71
CA ASN B 323 -10.03 12.81 -1.43
C ASN B 323 -9.33 11.78 -2.32
N ASP B 324 -8.55 12.26 -3.29
CA ASP B 324 -7.89 11.39 -4.26
C ASP B 324 -6.51 10.93 -3.81
N TYR B 325 -6.02 11.45 -2.69
CA TYR B 325 -4.77 10.94 -2.09
C TYR B 325 -4.99 10.49 -0.64
N PRO B 326 -4.39 9.34 -0.26
CA PRO B 326 -3.57 8.40 -1.02
C PRO B 326 -4.34 7.44 -1.91
N VAL B 327 -5.66 7.37 -1.74
CA VAL B 327 -6.49 6.50 -2.58
C VAL B 327 -7.32 7.32 -3.55
N PRO B 328 -7.01 7.23 -4.86
CA PRO B 328 -7.78 7.93 -5.89
C PRO B 328 -9.29 7.67 -5.81
N GLY B 329 -10.08 8.72 -6.01
CA GLY B 329 -11.54 8.62 -6.12
C GLY B 329 -12.31 8.31 -4.84
N ARG B 330 -11.79 8.79 -3.70
CA ARG B 330 -12.49 8.61 -2.43
C ARG B 330 -13.18 9.90 -1.99
N THR B 331 -14.16 9.75 -1.11
CA THR B 331 -14.88 10.87 -0.53
C THR B 331 -14.45 11.07 0.93
N ASN B 332 -13.59 12.06 1.15
CA ASN B 332 -13.06 12.36 2.48
C ASN B 332 -13.69 13.63 3.03
N TYR B 333 -13.55 13.86 4.33
CA TYR B 333 -14.15 15.03 4.97
C TYR B 333 -13.18 15.74 5.93
N PRO B 334 -12.04 16.22 5.39
CA PRO B 334 -10.94 16.66 6.26
C PRO B 334 -10.93 18.14 6.69
N LEU B 335 -11.78 18.98 6.08
CA LEU B 335 -11.72 20.42 6.30
C LEU B 335 -12.90 20.98 7.12
N LEU B 336 -12.87 22.27 7.41
CA LEU B 336 -13.87 22.91 8.28
C LEU B 336 -15.17 23.30 7.58
N PHE B 337 -15.18 23.25 6.25
CA PHE B 337 -16.37 23.56 5.46
C PHE B 337 -16.73 22.40 4.53
N ASP B 338 -18.01 22.05 4.51
CA ASP B 338 -18.48 20.93 3.67
C ASP B 338 -18.60 21.31 2.20
N ARG B 339 -19.03 20.35 1.38
CA ARG B 339 -19.10 20.51 -0.08
C ARG B 339 -20.14 21.51 -0.56
N ASN B 340 -21.02 21.95 0.33
CA ASN B 340 -21.95 23.05 0.06
C ASN B 340 -21.43 24.39 0.60
N HIS B 341 -20.14 24.39 0.97
CA HIS B 341 -19.46 25.56 1.53
C HIS B 341 -20.10 26.04 2.84
N GLN B 342 -20.65 25.08 3.58
CA GLN B 342 -21.27 25.35 4.86
C GLN B 342 -20.38 24.95 6.02
N PRO B 343 -20.34 25.79 7.07
CA PRO B 343 -19.56 25.51 8.28
C PRO B 343 -19.96 24.16 8.88
N LYS B 344 -18.97 23.30 9.11
CA LYS B 344 -19.23 22.00 9.75
C LYS B 344 -19.20 22.17 11.26
N PRO B 345 -19.93 21.30 12.01
CA PRO B 345 -19.89 21.35 13.47
C PRO B 345 -18.50 21.60 14.05
N ALA B 346 -17.48 21.10 13.35
CA ALA B 346 -16.08 21.35 13.71
C ALA B 346 -15.73 22.84 13.74
N LEU B 347 -16.22 23.60 12.76
CA LEU B 347 -15.94 25.04 12.69
C LEU B 347 -16.42 25.76 13.93
N ASP B 348 -17.70 25.56 14.27
CA ASP B 348 -18.27 26.16 15.47
C ASP B 348 -17.38 25.93 16.69
N ALA B 349 -16.95 24.68 16.86
CA ALA B 349 -16.08 24.26 17.97
C ALA B 349 -14.74 24.98 18.00
N VAL B 350 -14.13 25.16 16.83
CA VAL B 350 -12.85 25.86 16.70
C VAL B 350 -12.99 27.34 17.07
N VAL B 351 -14.03 27.99 16.54
CA VAL B 351 -14.29 29.41 16.78
C VAL B 351 -14.63 29.68 18.26
N ALA B 352 -15.19 28.69 18.93
CA ALA B 352 -15.59 28.83 20.33
C ALA B 352 -14.43 28.65 21.32
N VAL B 353 -13.36 28.01 20.87
CA VAL B 353 -12.20 27.71 21.73
C VAL B 353 -11.58 28.92 22.44
N PRO B 354 -11.26 30.02 21.69
CA PRO B 354 -10.59 31.17 22.31
C PRO B 354 -11.33 31.82 23.48
N SER B 355 -12.65 31.65 23.53
CA SER B 355 -13.47 32.26 24.59
C SER B 355 -14.17 31.21 25.48
N ALA B 356 -13.45 30.15 25.82
CA ALA B 356 -13.99 29.06 26.63
C ALA B 356 -13.25 28.91 27.96
N THR B 357 -13.93 28.33 28.95
CA THR B 357 -13.34 28.08 30.28
C THR B 357 -12.51 26.80 30.26
#